data_2Q2Z
#
_entry.id   2Q2Z
#
_cell.length_a   69.200
_cell.length_b   79.450
_cell.length_c   160.570
_cell.angle_alpha   90.00
_cell.angle_beta   90.00
_cell.angle_gamma   90.00
#
_symmetry.space_group_name_H-M   'P 21 21 21'
#
loop_
_entity.id
_entity.type
_entity.pdbx_description
1 polymer 'Kinesin-like protein KIF11'
2 non-polymer 'MAGNESIUM ION'
3 non-polymer "ADENOSINE-5'-DIPHOSPHATE"
4 non-polymer 1-[(4R)-4-[3-(4-ACETYLPIPERAZIN-1-YL)PROPYL]-1-(2-FLUORO-5-METHYLPHENYL)-4-PHENYL-4,5-DIHYDRO-1H-PYRAZOL-3-YL]ETHANONE
5 water water
#
_entity_poly.entity_id   1
_entity_poly.type   'polypeptide(L)'
_entity_poly.pdbx_seq_one_letter_code
;ASQPNSSAKKKEEKGKNIQVVVRCRPFNLAERKASAHSIVECDPVRKEVSVRTGGLADKSSRKTYTFDMVFGASTKQIDV
YRSVVCPILDEVIMGYNCTIFAYGQTGTGKTFTMEGERSPNEEYTWEEDPLAGIIPRTLHQIFEKLTDNGTEFSVKVSLL
EIYNEELFDLLNPSSDVSERLQMFDDPRNKRGVIIKGLEEITVHNKDEVYQILEKGAAKRTTAATLMNAYSSRSHSVFSV
TIHMKETTIDGEELVKIGKLNLVDLAGSENIGRSGAVDKRAREAGNINQSLLTLGRVITALVERTPHVPYRESKLTRILQ
DSLGGRTRTSIIATISPASLNLEETLSTLEYAHRAKNILNKPEVNQK
;
_entity_poly.pdbx_strand_id   A,B
#
loop_
_chem_comp.id
_chem_comp.type
_chem_comp.name
_chem_comp.formula
ADP non-polymer ADENOSINE-5'-DIPHOSPHATE 'C10 H15 N5 O10 P2'
MG non-polymer 'MAGNESIUM ION' 'Mg 2'
MKK non-polymer 1-[(4R)-4-[3-(4-ACETYLPIPERAZIN-1-YL)PROPYL]-1-(2-FLUORO-5-METHYLPHENYL)-4-PHENYL-4,5-DIHYDRO-1H-PYRAZOL-3-YL]ETHANONE 'C27 H33 F N4 O2'
#
# COMPACT_ATOMS: atom_id res chain seq x y z
N ASN A 17 -4.61 25.87 2.27
CA ASN A 17 -3.40 26.15 3.02
C ASN A 17 -2.11 25.77 2.25
N ILE A 18 -1.96 24.50 1.86
CA ILE A 18 -0.78 24.03 1.11
C ILE A 18 -0.70 24.71 -0.23
N GLN A 19 0.42 25.39 -0.48
CA GLN A 19 0.65 26.09 -1.74
C GLN A 19 1.41 25.22 -2.73
N VAL A 20 0.89 25.10 -3.95
CA VAL A 20 1.48 24.32 -5.01
C VAL A 20 1.83 25.23 -6.19
N VAL A 21 3.07 25.10 -6.67
CA VAL A 21 3.53 25.76 -7.91
C VAL A 21 3.85 24.72 -8.99
N VAL A 22 3.78 25.14 -10.24
CA VAL A 22 4.12 24.25 -11.33
C VAL A 22 5.30 24.87 -12.05
N ARG A 23 6.42 24.17 -12.11
CA ARG A 23 7.54 24.74 -12.81
C ARG A 23 7.65 23.94 -14.06
N CYS A 24 7.77 24.65 -15.18
CA CYS A 24 7.89 24.00 -16.46
C CYS A 24 9.28 24.16 -17.06
N ARG A 25 9.84 23.04 -17.51
CA ARG A 25 11.19 23.03 -18.03
C ARG A 25 11.15 23.37 -19.50
N PRO A 26 12.31 23.50 -20.14
CA PRO A 26 12.30 23.82 -21.55
C PRO A 26 12.89 22.69 -22.37
N PHE A 27 12.73 22.81 -23.68
CA PHE A 27 13.24 21.84 -24.63
C PHE A 27 14.76 21.57 -24.61
N ASN A 28 15.11 20.30 -24.51
CA ASN A 28 16.52 19.90 -24.57
C ASN A 28 16.91 19.89 -26.04
N LEU A 29 18.18 20.12 -26.34
CA LEU A 29 18.65 20.10 -27.72
C LEU A 29 18.35 18.78 -28.44
N ALA A 30 17.51 17.93 -27.84
CA ALA A 30 17.08 16.66 -28.43
C ALA A 30 15.76 16.93 -29.15
N GLU A 31 14.86 17.62 -28.45
CA GLU A 31 13.57 18.01 -28.98
C GLU A 31 13.72 19.36 -29.68
N ARG A 32 14.90 19.95 -29.57
CA ARG A 32 15.16 21.22 -30.23
C ARG A 32 15.49 20.92 -31.70
N LYS A 33 16.58 20.17 -31.92
CA LYS A 33 17.02 19.76 -33.26
C LYS A 33 15.93 18.99 -34.02
N ALA A 34 15.26 18.08 -33.31
CA ALA A 34 14.19 17.26 -33.89
C ALA A 34 12.96 18.10 -34.16
N SER A 35 13.15 19.42 -34.22
CA SER A 35 12.09 20.40 -34.47
C SER A 35 10.71 20.00 -33.94
N ALA A 36 10.69 19.50 -32.71
CA ALA A 36 9.46 19.03 -32.09
C ALA A 36 8.60 20.17 -31.54
N HIS A 37 7.42 19.80 -31.06
CA HIS A 37 6.45 20.76 -30.55
C HIS A 37 6.04 20.49 -29.09
N SER A 38 5.75 21.58 -28.37
CA SER A 38 5.27 21.49 -27.00
C SER A 38 3.76 21.28 -27.04
N ILE A 39 3.17 21.08 -25.88
CA ILE A 39 1.74 20.82 -25.77
C ILE A 39 1.40 21.34 -24.39
N VAL A 40 2.31 22.12 -23.86
CA VAL A 40 2.16 22.69 -22.54
C VAL A 40 2.25 24.22 -22.73
N GLU A 41 1.35 24.95 -22.09
CA GLU A 41 1.41 26.42 -22.13
C GLU A 41 1.38 26.98 -20.72
N CYS A 42 2.56 27.32 -20.17
CA CYS A 42 2.65 27.82 -18.81
C CYS A 42 2.51 29.35 -18.66
N ASP A 43 1.31 29.86 -18.39
CA ASP A 43 1.12 31.31 -18.22
C ASP A 43 1.10 31.84 -16.79
N PRO A 44 2.19 32.52 -16.38
CA PRO A 44 2.49 33.18 -15.10
C PRO A 44 1.47 34.23 -14.65
N VAL A 45 0.82 34.90 -15.61
CA VAL A 45 -0.14 35.96 -15.28
C VAL A 45 -1.51 35.43 -14.87
N ARG A 46 -2.07 34.55 -15.68
CA ARG A 46 -3.33 33.88 -15.37
C ARG A 46 -3.06 32.80 -14.33
N LYS A 47 -1.78 32.47 -14.11
CA LYS A 47 -1.35 31.44 -13.16
C LYS A 47 -1.90 30.07 -13.49
N GLU A 48 -1.59 29.58 -14.68
CA GLU A 48 -2.14 28.30 -15.07
C GLU A 48 -1.40 27.62 -16.19
N VAL A 49 -1.68 26.34 -16.35
CA VAL A 49 -1.05 25.59 -17.40
C VAL A 49 -2.15 24.88 -18.16
N SER A 50 -2.02 24.96 -19.48
CA SER A 50 -2.98 24.37 -20.42
C SER A 50 -2.28 23.34 -21.30
N VAL A 51 -2.80 22.12 -21.23
CA VAL A 51 -2.25 21.00 -21.99
C VAL A 51 -3.08 20.67 -23.22
N ARG A 52 -2.39 20.34 -24.30
CA ARG A 52 -3.01 19.95 -25.56
C ARG A 52 -3.15 18.43 -25.55
N THR A 53 -4.38 17.94 -25.37
CA THR A 53 -4.63 16.51 -25.28
C THR A 53 -4.95 15.82 -26.57
N GLY A 54 -5.55 16.54 -27.52
CA GLY A 54 -5.96 15.93 -28.78
C GLY A 54 -5.02 16.06 -29.97
N GLY A 55 -4.72 17.30 -30.37
CA GLY A 55 -3.85 17.58 -31.49
C GLY A 55 -4.22 18.85 -32.23
N LEU A 56 -3.26 19.42 -32.98
CA LEU A 56 -3.45 20.62 -33.80
C LEU A 56 -3.24 21.98 -33.12
N ALA A 57 -2.23 22.75 -33.57
CA ALA A 57 -1.98 24.11 -33.06
C ALA A 57 -3.04 25.00 -33.68
N ASP A 58 -3.93 24.35 -34.43
CA ASP A 58 -5.09 24.96 -35.08
C ASP A 58 -6.30 24.57 -34.19
N LYS A 59 -6.96 23.46 -34.52
CA LYS A 59 -8.14 22.98 -33.78
C LYS A 59 -7.84 21.88 -32.73
N SER A 60 -7.83 22.24 -31.44
CA SER A 60 -7.50 21.26 -30.40
C SER A 60 -8.40 21.20 -29.16
N SER A 61 -8.38 20.04 -28.50
CA SER A 61 -9.06 19.79 -27.24
C SER A 61 -7.97 19.89 -26.17
N ARG A 62 -8.09 20.84 -25.24
CA ARG A 62 -7.06 21.02 -24.22
C ARG A 62 -7.52 20.76 -22.78
N LYS A 63 -6.57 20.80 -21.85
CA LYS A 63 -6.82 20.56 -20.42
C LYS A 63 -6.12 21.65 -19.60
N THR A 64 -6.88 22.41 -18.81
CA THR A 64 -6.30 23.54 -18.07
C THR A 64 -6.38 23.48 -16.53
N TYR A 65 -5.26 23.79 -15.88
CA TYR A 65 -5.21 23.75 -14.41
C TYR A 65 -4.70 25.10 -13.85
N THR A 66 -5.12 25.44 -12.63
CA THR A 66 -4.67 26.66 -11.99
C THR A 66 -4.07 26.28 -10.65
N PHE A 67 -3.00 26.99 -10.30
CA PHE A 67 -2.26 26.73 -9.09
C PHE A 67 -1.94 28.04 -8.47
N ASP A 68 -1.04 28.03 -7.49
CA ASP A 68 -0.70 29.23 -6.75
C ASP A 68 0.38 30.09 -7.40
N MET A 69 1.03 29.52 -8.42
CA MET A 69 2.13 30.21 -9.08
C MET A 69 2.62 29.34 -10.23
N VAL A 70 3.03 29.98 -11.32
CA VAL A 70 3.54 29.27 -12.49
C VAL A 70 4.77 29.95 -13.06
N PHE A 71 5.75 29.14 -13.41
CA PHE A 71 7.00 29.62 -13.95
C PHE A 71 7.17 28.82 -15.23
N GLY A 72 7.49 29.56 -16.28
CA GLY A 72 7.68 29.04 -17.62
C GLY A 72 9.11 28.55 -17.71
N ALA A 73 9.53 28.18 -18.91
CA ALA A 73 10.89 27.69 -19.08
C ALA A 73 11.83 28.87 -19.01
N SER A 74 11.35 30.04 -19.44
CA SER A 74 12.14 31.26 -19.45
C SER A 74 12.58 31.68 -18.05
N THR A 75 12.17 30.89 -17.06
CA THR A 75 12.47 31.20 -15.66
C THR A 75 13.86 30.74 -15.31
N LYS A 76 14.45 31.41 -14.33
CA LYS A 76 15.81 31.12 -13.90
C LYS A 76 15.83 30.82 -12.40
N GLN A 77 16.81 30.02 -11.99
CA GLN A 77 17.00 29.63 -10.59
C GLN A 77 16.66 30.74 -9.60
N ILE A 78 17.15 31.93 -9.91
CA ILE A 78 16.97 33.13 -9.10
C ILE A 78 15.51 33.51 -9.00
N ASP A 79 14.74 33.29 -10.06
CA ASP A 79 13.31 33.65 -10.04
C ASP A 79 12.50 32.73 -9.14
N VAL A 80 12.89 31.47 -9.12
CA VAL A 80 12.24 30.50 -8.28
C VAL A 80 12.55 30.80 -6.80
N TYR A 81 13.69 31.44 -6.56
CA TYR A 81 14.13 31.71 -5.19
C TYR A 81 13.45 32.82 -4.43
N ARG A 82 13.54 34.04 -4.96
CA ARG A 82 12.91 35.20 -4.32
C ARG A 82 11.39 35.00 -4.25
N SER A 83 10.85 34.26 -5.22
CA SER A 83 9.43 33.99 -5.26
C SER A 83 8.88 32.90 -4.33
N VAL A 84 9.55 31.76 -4.26
CA VAL A 84 8.98 30.70 -3.43
C VAL A 84 9.80 30.36 -2.20
N VAL A 85 11.10 30.60 -2.31
CA VAL A 85 11.97 30.28 -1.19
C VAL A 85 12.04 31.35 -0.12
N CYS A 86 12.28 32.60 -0.53
CA CYS A 86 12.49 33.70 0.45
C CYS A 86 11.55 33.79 1.64
N PRO A 87 10.24 33.81 1.40
CA PRO A 87 9.24 33.76 2.46
C PRO A 87 9.56 32.59 3.40
N ILE A 88 9.39 31.36 2.92
CA ILE A 88 9.70 30.18 3.72
C ILE A 88 11.03 30.29 4.46
N LEU A 89 11.95 31.14 4.01
CA LEU A 89 13.16 31.30 4.82
C LEU A 89 12.88 32.23 6.02
N ASP A 90 12.36 33.42 5.72
CA ASP A 90 11.98 34.39 6.72
C ASP A 90 11.12 33.70 7.78
N GLU A 91 10.15 32.91 7.33
CA GLU A 91 9.31 32.21 8.29
C GLU A 91 10.17 31.27 9.11
N VAL A 92 10.90 30.41 8.42
CA VAL A 92 11.73 29.46 9.10
C VAL A 92 12.68 30.12 10.09
N ILE A 93 12.99 31.39 9.86
CA ILE A 93 13.86 32.12 10.79
C ILE A 93 13.13 32.75 11.98
N MET A 94 11.83 32.51 12.06
CA MET A 94 11.05 33.01 13.16
C MET A 94 10.84 31.84 14.09
N GLY A 95 11.45 30.71 13.75
CA GLY A 95 11.34 29.53 14.57
C GLY A 95 10.33 28.55 14.00
N TYR A 96 9.62 29.02 12.98
CA TYR A 96 8.65 28.19 12.28
C TYR A 96 9.31 26.94 11.66
N ASN A 97 8.49 26.08 11.05
CA ASN A 97 9.00 24.88 10.40
C ASN A 97 8.51 24.92 8.96
N CYS A 98 9.35 24.55 8.02
CA CYS A 98 8.82 24.54 6.68
C CYS A 98 9.31 23.40 5.86
N THR A 99 8.45 22.98 4.92
CA THR A 99 8.79 21.89 4.03
C THR A 99 8.61 22.19 2.55
N ILE A 100 9.58 21.81 1.72
CA ILE A 100 9.40 21.96 0.27
C ILE A 100 9.57 20.67 -0.55
N PHE A 101 8.47 20.19 -1.12
CA PHE A 101 8.51 19.03 -1.99
C PHE A 101 8.81 19.38 -3.48
N ALA A 102 9.44 18.47 -4.22
CA ALA A 102 9.58 18.70 -5.66
C ALA A 102 8.90 17.43 -6.16
N TYR A 103 8.00 17.51 -7.14
CA TYR A 103 7.28 16.31 -7.56
C TYR A 103 7.13 16.16 -9.03
N GLY A 104 7.34 14.97 -9.55
CA GLY A 104 7.08 14.83 -10.97
C GLY A 104 7.80 13.69 -11.64
N GLN A 105 7.46 13.46 -12.89
CA GLN A 105 8.12 12.47 -13.70
C GLN A 105 9.62 12.70 -13.58
N THR A 106 10.37 11.72 -14.11
CA THR A 106 11.81 11.77 -14.14
C THR A 106 12.23 12.54 -15.34
N GLY A 107 13.27 13.33 -15.22
CA GLY A 107 13.71 14.07 -16.37
C GLY A 107 13.02 15.38 -16.56
N THR A 108 12.22 15.81 -15.59
CA THR A 108 11.53 17.06 -15.74
C THR A 108 12.13 18.27 -15.00
N GLY A 109 13.14 18.04 -14.16
CA GLY A 109 13.78 19.14 -13.44
C GLY A 109 13.57 19.17 -11.94
N LYS A 110 12.96 18.14 -11.35
CA LYS A 110 12.77 18.11 -9.89
C LYS A 110 14.11 18.36 -9.16
N THR A 111 15.17 17.75 -9.69
CA THR A 111 16.51 17.90 -9.12
C THR A 111 17.17 19.24 -9.44
N PHE A 112 17.08 19.64 -10.71
CA PHE A 112 17.65 20.88 -11.18
C PHE A 112 17.19 21.96 -10.25
N THR A 113 15.89 21.97 -9.99
CA THR A 113 15.27 22.95 -9.14
C THR A 113 15.83 22.87 -7.73
N MET A 114 15.76 21.69 -7.12
CA MET A 114 16.16 21.55 -5.73
C MET A 114 17.64 21.79 -5.41
N GLU A 115 18.51 21.20 -6.23
CA GLU A 115 19.94 21.34 -6.12
C GLU A 115 20.57 22.36 -7.12
N GLY A 116 20.17 22.28 -8.38
CA GLY A 116 20.69 23.14 -9.42
C GLY A 116 21.86 22.40 -10.00
N GLU A 117 22.64 23.09 -10.82
CA GLU A 117 23.84 22.51 -11.36
C GLU A 117 24.97 23.53 -11.24
N ARG A 118 26.05 23.24 -11.96
CA ARG A 118 27.20 24.11 -11.97
C ARG A 118 27.40 24.67 -13.39
N SER A 119 27.60 26.00 -13.46
CA SER A 119 27.92 26.68 -14.71
C SER A 119 29.35 26.29 -15.06
N PRO A 120 29.52 25.56 -16.18
CA PRO A 120 30.61 24.91 -16.94
C PRO A 120 31.92 25.69 -17.18
N ASN A 121 32.98 24.98 -17.55
CA ASN A 121 34.26 25.64 -17.85
C ASN A 121 34.81 26.42 -16.67
N GLU A 122 34.07 26.44 -15.57
CA GLU A 122 34.47 27.13 -14.35
C GLU A 122 34.20 28.65 -14.32
N GLU A 123 33.22 29.10 -15.11
CA GLU A 123 32.88 30.51 -15.16
C GLU A 123 32.72 31.18 -13.81
N TYR A 124 31.79 30.70 -12.99
CA TYR A 124 31.55 31.30 -11.67
C TYR A 124 31.97 30.40 -10.54
N THR A 125 31.63 30.84 -9.34
CA THR A 125 31.88 30.10 -8.12
C THR A 125 30.55 29.57 -7.63
N TRP A 126 30.57 28.93 -6.46
CA TRP A 126 29.36 28.36 -5.93
C TRP A 126 28.40 29.39 -5.31
N GLU A 127 28.91 30.59 -5.04
CA GLU A 127 28.03 31.62 -4.49
C GLU A 127 27.51 32.64 -5.51
N GLU A 128 27.66 32.35 -6.80
CA GLU A 128 27.15 33.23 -7.87
C GLU A 128 26.72 32.49 -9.14
N ASP A 129 26.63 31.16 -9.06
CA ASP A 129 26.25 30.42 -10.22
C ASP A 129 24.76 30.53 -10.41
N PRO A 130 24.38 31.28 -11.43
CA PRO A 130 22.99 31.45 -11.85
C PRO A 130 22.28 30.10 -12.06
N LEU A 131 23.04 29.00 -12.02
CA LEU A 131 22.48 27.67 -12.22
C LEU A 131 22.07 26.97 -10.91
N ALA A 132 22.78 27.31 -9.82
CA ALA A 132 22.54 26.75 -8.50
C ALA A 132 21.09 26.93 -8.09
N GLY A 133 20.44 25.82 -7.70
CA GLY A 133 19.05 25.79 -7.30
C GLY A 133 18.94 25.98 -5.82
N ILE A 134 17.75 25.72 -5.25
CA ILE A 134 17.43 25.90 -3.82
C ILE A 134 18.46 25.66 -2.72
N ILE A 135 18.59 24.41 -2.33
CA ILE A 135 19.51 24.00 -1.25
C ILE A 135 20.79 24.83 -1.16
N PRO A 136 21.43 25.16 -2.32
CA PRO A 136 22.68 25.95 -2.32
C PRO A 136 22.44 27.39 -1.93
N ARG A 137 21.70 28.09 -2.78
CA ARG A 137 21.34 29.48 -2.54
C ARG A 137 20.91 29.70 -1.12
N THR A 138 20.25 28.69 -0.56
CA THR A 138 19.63 28.78 0.75
C THR A 138 20.66 28.89 1.82
N LEU A 139 21.59 27.94 1.81
CA LEU A 139 22.61 27.99 2.82
C LEU A 139 23.35 29.31 2.74
N HIS A 140 23.76 29.70 1.53
CA HIS A 140 24.50 30.96 1.33
C HIS A 140 23.70 32.16 1.82
N GLN A 141 22.40 31.98 1.95
CA GLN A 141 21.51 33.03 2.38
C GLN A 141 21.29 33.03 3.90
N ILE A 142 21.16 31.85 4.49
CA ILE A 142 20.92 31.76 5.93
C ILE A 142 22.02 32.54 6.62
N PHE A 143 23.28 32.30 6.22
CA PHE A 143 24.41 33.03 6.78
C PHE A 143 24.29 34.48 6.37
N GLU A 144 24.29 34.73 5.07
CA GLU A 144 24.19 36.08 4.53
C GLU A 144 23.07 36.95 5.13
N LYS A 145 22.37 36.43 6.13
CA LYS A 145 21.29 37.18 6.76
C LYS A 145 21.51 37.34 8.27
N LEU A 146 21.54 36.23 8.99
CA LEU A 146 21.77 36.27 10.43
C LEU A 146 23.16 36.81 10.76
N THR A 147 24.14 36.48 9.93
CA THR A 147 25.49 36.97 10.11
C THR A 147 25.46 38.49 10.16
N ASP A 148 24.92 39.08 9.08
CA ASP A 148 24.78 40.54 8.94
C ASP A 148 24.35 41.22 10.24
N ASN A 149 23.12 40.94 10.65
CA ASN A 149 22.54 41.51 11.87
C ASN A 149 23.19 40.97 13.15
N GLY A 150 23.21 41.79 14.19
CA GLY A 150 23.73 41.40 15.49
C GLY A 150 22.94 40.20 15.98
N THR A 151 23.18 39.06 15.36
CA THR A 151 22.48 37.82 15.67
C THR A 151 23.47 36.70 15.97
N GLU A 152 23.14 35.86 16.96
CA GLU A 152 23.99 34.73 17.30
C GLU A 152 23.21 33.47 16.90
N PHE A 153 23.90 32.50 16.30
CA PHE A 153 23.25 31.26 15.87
C PHE A 153 24.19 30.09 15.65
N SER A 154 23.65 29.07 15.00
CA SER A 154 24.37 27.87 14.62
C SER A 154 23.39 27.05 13.77
N VAL A 155 23.89 26.45 12.70
CA VAL A 155 23.03 25.68 11.83
C VAL A 155 23.63 24.31 11.58
N LYS A 156 22.75 23.36 11.30
CA LYS A 156 23.15 22.00 10.98
C LYS A 156 22.29 21.53 9.81
N VAL A 157 22.80 20.55 9.07
CA VAL A 157 22.07 19.98 7.95
C VAL A 157 22.32 18.49 7.89
N SER A 158 21.30 17.74 7.49
CA SER A 158 21.40 16.31 7.30
C SER A 158 20.65 15.91 6.02
N LEU A 159 20.92 14.69 5.55
CA LEU A 159 20.35 14.15 4.32
C LEU A 159 19.85 12.74 4.50
N LEU A 160 18.54 12.59 4.69
CA LEU A 160 17.93 11.28 4.80
C LEU A 160 17.51 10.90 3.39
N GLU A 161 17.88 9.71 2.97
CA GLU A 161 17.51 9.23 1.66
C GLU A 161 16.87 7.83 1.76
N ILE A 162 15.75 7.68 1.07
CA ILE A 162 14.99 6.45 1.10
C ILE A 162 15.11 5.65 -0.19
N TYR A 163 15.53 4.39 -0.03
CA TYR A 163 15.57 3.43 -1.14
C TYR A 163 14.95 2.06 -0.80
N ASN A 164 13.70 1.86 -1.21
CA ASN A 164 13.05 0.61 -0.98
C ASN A 164 12.63 0.48 0.47
N GLU A 165 12.28 1.61 1.08
CA GLU A 165 11.85 1.64 2.47
C GLU A 165 13.05 1.25 3.30
N GLU A 166 14.20 1.76 2.92
CA GLU A 166 15.43 1.52 3.63
C GLU A 166 16.08 2.89 3.73
N LEU A 167 16.44 3.31 4.93
CA LEU A 167 17.00 4.64 5.14
C LEU A 167 18.50 4.76 4.81
N PHE A 168 18.93 5.95 4.39
CA PHE A 168 20.30 6.15 3.92
C PHE A 168 20.85 7.52 4.28
N ASP A 169 21.99 7.56 4.98
CA ASP A 169 22.59 8.83 5.37
C ASP A 169 23.69 9.17 4.36
N LEU A 170 23.35 10.11 3.47
CA LEU A 170 24.23 10.50 2.36
C LEU A 170 25.40 11.42 2.69
N LEU A 171 25.43 11.93 3.92
CA LEU A 171 26.53 12.81 4.34
C LEU A 171 27.56 12.16 5.28
N ASN A 172 27.12 11.40 6.28
CA ASN A 172 28.02 10.70 7.21
C ASN A 172 29.22 10.07 6.49
N PRO A 173 30.43 10.66 6.68
CA PRO A 173 31.60 10.11 5.98
C PRO A 173 32.39 9.03 6.73
N SER A 174 31.85 8.54 7.85
CA SER A 174 32.56 7.53 8.65
C SER A 174 32.24 6.10 8.21
N SER A 175 31.01 5.90 7.75
CA SER A 175 30.58 4.59 7.27
C SER A 175 30.05 4.70 5.84
N ASP A 176 30.31 3.65 5.04
CA ASP A 176 29.85 3.61 3.65
C ASP A 176 28.34 3.80 3.44
N VAL A 177 27.72 3.03 2.54
CA VAL A 177 26.31 3.21 2.21
C VAL A 177 25.43 1.96 2.31
N SER A 178 26.05 0.80 2.37
CA SER A 178 25.29 -0.43 2.53
C SER A 178 24.56 -0.30 3.86
N GLU A 179 25.19 0.40 4.80
CA GLU A 179 24.66 0.64 6.13
C GLU A 179 23.34 1.46 6.13
N ARG A 180 22.20 0.77 6.24
CA ARG A 180 20.91 1.45 6.26
C ARG A 180 20.63 1.81 7.71
N LEU A 181 19.97 2.95 7.95
CA LEU A 181 19.68 3.39 9.31
C LEU A 181 18.42 2.70 9.83
N GLN A 182 18.08 2.96 11.10
CA GLN A 182 16.84 2.43 11.67
C GLN A 182 15.85 3.47 12.24
N MET A 183 14.57 3.20 11.99
CA MET A 183 13.43 4.04 12.35
C MET A 183 12.59 3.46 13.49
N PHE A 184 12.39 4.28 14.51
CA PHE A 184 11.58 3.92 15.65
C PHE A 184 10.77 5.17 15.92
N ASP A 185 9.57 5.00 16.48
CA ASP A 185 8.74 6.14 16.83
C ASP A 185 9.40 6.80 18.04
N ASP A 186 9.16 8.09 18.22
CA ASP A 186 9.70 8.84 19.35
C ASP A 186 8.66 8.74 20.46
N PRO A 187 9.04 8.19 21.62
CA PRO A 187 8.10 8.03 22.73
C PRO A 187 7.85 9.39 23.37
N ARG A 188 8.83 10.27 23.18
CA ARG A 188 8.73 11.65 23.65
C ARG A 188 7.44 12.24 23.03
N ASN A 189 7.57 12.84 21.84
CA ASN A 189 6.40 13.36 21.14
C ASN A 189 5.78 12.40 20.12
N LYS A 190 4.52 12.01 20.38
CA LYS A 190 3.77 11.12 19.50
C LYS A 190 3.88 11.63 18.06
N ARG A 191 3.74 10.71 17.10
CA ARG A 191 3.80 11.05 15.67
C ARG A 191 5.21 11.38 15.17
N GLY A 192 6.21 11.26 16.03
CA GLY A 192 7.58 11.58 15.66
C GLY A 192 8.38 10.31 15.45
N VAL A 193 9.57 10.42 14.86
CA VAL A 193 10.38 9.23 14.63
C VAL A 193 11.81 9.46 15.04
N ILE A 194 12.49 8.40 15.46
CA ILE A 194 13.89 8.51 15.81
C ILE A 194 14.74 7.80 14.78
N ILE A 195 15.69 8.53 14.21
CA ILE A 195 16.54 8.00 13.16
C ILE A 195 17.94 7.55 13.62
N LYS A 196 17.98 6.34 14.17
CA LYS A 196 19.21 5.82 14.75
C LYS A 196 20.45 5.98 13.90
N GLY A 197 21.37 6.82 14.37
CA GLY A 197 22.62 7.03 13.67
C GLY A 197 22.56 7.99 12.49
N LEU A 198 21.57 8.90 12.48
CA LEU A 198 21.51 9.89 11.42
C LEU A 198 22.56 10.95 11.75
N GLU A 199 23.33 11.38 10.75
CA GLU A 199 24.32 12.44 10.94
C GLU A 199 23.79 13.87 10.69
N GLU A 200 24.11 14.76 11.61
CA GLU A 200 23.72 16.14 11.45
C GLU A 200 24.99 16.95 11.46
N ILE A 201 25.41 17.36 10.27
CA ILE A 201 26.61 18.15 10.10
C ILE A 201 26.39 19.58 10.64
N THR A 202 27.45 20.23 11.10
CA THR A 202 27.33 21.58 11.66
C THR A 202 28.05 22.63 10.80
N VAL A 203 27.32 23.50 10.12
CA VAL A 203 27.98 24.47 9.26
C VAL A 203 28.35 25.80 9.90
N HIS A 204 29.56 25.87 10.45
CA HIS A 204 30.06 27.06 11.15
C HIS A 204 30.14 28.37 10.31
N ASN A 205 30.56 28.24 9.05
CA ASN A 205 30.71 29.40 8.16
C ASN A 205 30.37 29.11 6.69
N LYS A 206 29.74 30.08 6.05
CA LYS A 206 29.35 30.03 4.64
C LYS A 206 30.40 29.41 3.72
N ASP A 207 31.60 29.18 4.23
CA ASP A 207 32.65 28.66 3.38
C ASP A 207 32.84 27.17 3.62
N GLU A 208 31.88 26.55 4.31
CA GLU A 208 31.90 25.11 4.58
C GLU A 208 30.87 24.41 3.67
N VAL A 209 29.85 25.18 3.33
CA VAL A 209 28.74 24.75 2.51
C VAL A 209 29.21 23.80 1.41
N TYR A 210 29.91 24.37 0.43
CA TYR A 210 30.38 23.66 -0.74
C TYR A 210 31.02 22.30 -0.60
N GLN A 211 31.94 22.10 0.33
CA GLN A 211 32.54 20.76 0.43
C GLN A 211 31.47 19.76 0.93
N ILE A 212 30.64 20.24 1.85
CA ILE A 212 29.58 19.45 2.43
C ILE A 212 28.74 18.82 1.32
N LEU A 213 28.47 19.57 0.26
CA LEU A 213 27.73 19.07 -0.89
C LEU A 213 28.60 18.17 -1.73
N GLU A 214 29.79 18.66 -2.09
CA GLU A 214 30.76 17.86 -2.83
C GLU A 214 30.87 16.47 -2.22
N LYS A 215 30.64 16.40 -0.91
CA LYS A 215 30.69 15.15 -0.17
C LYS A 215 29.58 14.19 -0.62
N GLY A 216 28.33 14.52 -0.33
CA GLY A 216 27.17 13.71 -0.70
C GLY A 216 27.12 13.38 -2.18
N ALA A 217 27.57 14.31 -3.02
CA ALA A 217 27.64 14.08 -4.46
C ALA A 217 28.42 12.76 -4.64
N ALA A 218 29.45 12.55 -3.83
CA ALA A 218 30.19 11.30 -3.90
C ALA A 218 29.28 10.17 -3.44
N LYS A 219 29.06 10.15 -2.13
CA LYS A 219 28.31 9.11 -1.45
C LYS A 219 27.05 8.71 -2.21
N ARG A 220 26.42 9.69 -2.87
CA ARG A 220 25.23 9.43 -3.68
C ARG A 220 25.68 8.40 -4.68
N THR A 221 26.58 8.84 -5.55
CA THR A 221 27.19 8.00 -6.59
C THR A 221 27.44 6.52 -6.21
N THR A 222 27.97 6.28 -5.01
CA THR A 222 28.25 4.90 -4.64
C THR A 222 26.95 4.24 -4.44
N ALA A 223 25.96 5.03 -4.05
CA ALA A 223 24.63 4.51 -3.87
C ALA A 223 24.10 4.21 -5.25
N ALA A 224 24.36 5.11 -6.20
CA ALA A 224 23.87 4.87 -7.56
C ALA A 224 24.41 3.58 -8.15
N THR A 225 25.61 3.20 -7.71
CA THR A 225 26.16 1.94 -8.20
C THR A 225 25.72 0.77 -7.33
N LEU A 226 25.33 1.02 -6.09
CA LEU A 226 24.90 -0.04 -5.19
C LEU A 226 23.53 -0.63 -5.55
N MET A 227 22.55 0.23 -5.79
CA MET A 227 21.18 -0.17 -6.14
C MET A 227 20.70 0.50 -7.45
N ASN A 228 19.77 -0.18 -8.14
CA ASN A 228 19.28 0.18 -9.47
C ASN A 228 18.36 1.37 -9.62
N ALA A 229 18.68 2.17 -10.64
CA ALA A 229 17.97 3.38 -10.99
C ALA A 229 17.72 4.17 -9.73
N TYR A 230 18.75 4.18 -8.89
CA TYR A 230 18.70 4.88 -7.62
C TYR A 230 18.09 6.30 -7.68
N SER A 231 18.69 7.15 -8.51
CA SER A 231 18.27 8.54 -8.68
C SER A 231 16.78 8.65 -8.89
N SER A 232 16.32 7.96 -9.93
CA SER A 232 14.92 7.97 -10.26
C SER A 232 14.03 7.39 -9.16
N ARG A 233 14.53 6.37 -8.45
CA ARG A 233 13.74 5.63 -7.44
C ARG A 233 13.79 6.06 -6.00
N SER A 234 14.66 7.00 -5.68
CA SER A 234 14.82 7.48 -4.29
C SER A 234 14.13 8.81 -3.84
N HIS A 235 14.29 9.10 -2.54
CA HIS A 235 13.73 10.28 -1.89
C HIS A 235 14.85 10.84 -1.01
N SER A 236 15.17 12.11 -1.20
CA SER A 236 16.23 12.73 -0.45
C SER A 236 15.56 13.78 0.37
N VAL A 237 15.75 13.71 1.67
CA VAL A 237 15.19 14.71 2.56
C VAL A 237 16.40 15.53 2.99
N PHE A 238 16.54 16.74 2.46
CA PHE A 238 17.66 17.59 2.87
C PHE A 238 17.18 18.52 3.98
N SER A 239 17.76 18.40 5.16
CA SER A 239 17.28 19.25 6.25
C SER A 239 18.30 20.21 6.82
N VAL A 240 17.91 21.47 6.87
CA VAL A 240 18.75 22.50 7.47
C VAL A 240 18.13 23.06 8.73
N THR A 241 18.90 23.00 9.82
CA THR A 241 18.44 23.44 11.13
C THR A 241 19.16 24.66 11.71
N ILE A 242 18.35 25.66 12.03
CA ILE A 242 18.85 26.90 12.58
C ILE A 242 18.48 27.08 14.04
N HIS A 243 19.53 27.23 14.85
CA HIS A 243 19.40 27.50 16.27
C HIS A 243 19.76 28.97 16.40
N MET A 244 18.75 29.74 16.78
CA MET A 244 18.91 31.17 16.86
C MET A 244 18.82 31.72 18.29
N LYS A 245 19.83 32.52 18.64
CA LYS A 245 19.92 33.20 19.92
C LYS A 245 19.97 34.70 19.59
N GLU A 246 18.97 35.16 18.84
CA GLU A 246 18.87 36.55 18.42
C GLU A 246 19.14 37.52 19.57
N THR A 247 19.23 38.81 19.25
CA THR A 247 19.42 39.86 20.24
C THR A 247 19.25 41.22 19.57
N THR A 248 18.01 41.70 19.52
CA THR A 248 17.71 43.01 18.93
C THR A 248 18.47 44.14 19.68
N ILE A 249 18.24 45.39 19.29
CA ILE A 249 18.89 46.52 19.96
C ILE A 249 18.34 46.69 21.38
N ASP A 250 18.09 45.57 22.04
CA ASP A 250 17.54 45.53 23.40
C ASP A 250 18.55 44.84 24.33
N GLY A 251 18.41 43.53 24.44
CA GLY A 251 19.29 42.75 25.29
C GLY A 251 18.63 41.40 25.51
N GLU A 252 17.44 41.25 24.95
CA GLU A 252 16.70 40.01 25.04
C GLU A 252 17.42 38.99 24.15
N GLU A 253 17.45 37.74 24.58
CA GLU A 253 18.13 36.70 23.81
C GLU A 253 17.10 35.69 23.25
N LEU A 254 16.71 35.88 21.99
CA LEU A 254 15.75 34.98 21.39
C LEU A 254 16.32 33.57 21.40
N VAL A 255 15.44 32.57 21.36
CA VAL A 255 15.83 31.15 21.35
C VAL A 255 15.17 30.40 20.18
N LYS A 256 14.86 31.13 19.11
CA LYS A 256 14.19 30.60 17.93
C LYS A 256 14.82 29.35 17.37
N ILE A 257 13.97 28.47 16.84
CA ILE A 257 14.43 27.24 16.19
C ILE A 257 13.59 27.02 14.95
N GLY A 258 14.25 26.85 13.81
CA GLY A 258 13.56 26.59 12.55
C GLY A 258 14.12 25.39 11.78
N LYS A 259 13.22 24.54 11.28
CA LYS A 259 13.62 23.40 10.47
C LYS A 259 12.92 23.52 9.12
N LEU A 260 13.74 23.57 8.07
CA LEU A 260 13.24 23.74 6.71
C LEU A 260 13.66 22.52 5.94
N ASN A 261 12.66 21.83 5.40
CA ASN A 261 12.84 20.56 4.69
C ASN A 261 12.73 20.65 3.16
N LEU A 262 13.71 20.07 2.48
CA LEU A 262 13.74 20.12 1.03
C LEU A 262 13.80 18.71 0.45
N VAL A 263 12.66 18.28 -0.04
CA VAL A 263 12.45 16.90 -0.46
C VAL A 263 12.47 16.64 -1.94
N ASP A 264 13.44 15.86 -2.36
CA ASP A 264 13.45 15.49 -3.76
C ASP A 264 12.84 14.10 -3.89
N LEU A 265 11.52 14.08 -4.09
CA LEU A 265 10.69 12.88 -4.25
C LEU A 265 11.20 12.02 -5.39
N ALA A 266 10.82 10.75 -5.42
CA ALA A 266 11.18 9.88 -6.52
C ALA A 266 10.32 10.16 -7.77
N GLY A 267 10.81 9.69 -8.90
CA GLY A 267 10.13 9.75 -10.18
C GLY A 267 8.65 9.44 -9.99
N SER A 268 7.87 10.49 -10.15
CA SER A 268 6.45 10.41 -10.05
C SER A 268 5.97 9.30 -10.99
N GLU A 269 6.69 9.15 -12.10
CA GLU A 269 6.36 8.14 -13.11
C GLU A 269 6.14 6.77 -12.49
N ASN A 270 5.25 5.99 -13.13
CA ASN A 270 4.88 4.65 -12.70
C ASN A 270 5.57 3.65 -13.64
N ASN A 286 10.53 -1.61 -9.57
CA ASN A 286 9.30 -2.27 -9.11
C ASN A 286 8.15 -1.39 -8.55
N ILE A 287 8.15 -1.17 -7.21
CA ILE A 287 7.10 -0.38 -6.52
C ILE A 287 7.65 0.55 -5.43
N ASN A 288 7.12 1.76 -5.37
CA ASN A 288 7.55 2.72 -4.37
C ASN A 288 6.51 2.80 -3.27
N GLN A 289 6.75 2.07 -2.20
CA GLN A 289 5.81 2.10 -1.10
C GLN A 289 5.61 3.54 -0.62
N SER A 290 6.67 4.34 -0.61
CA SER A 290 6.46 5.67 -0.06
C SER A 290 5.70 6.50 -1.05
N LEU A 291 6.22 6.54 -2.27
CA LEU A 291 5.55 7.27 -3.34
C LEU A 291 4.08 6.90 -3.34
N LEU A 292 3.80 5.62 -3.14
CA LEU A 292 2.44 5.08 -3.07
C LEU A 292 1.68 5.52 -1.82
N THR A 293 2.38 5.70 -0.71
CA THR A 293 1.75 6.07 0.54
C THR A 293 1.47 7.56 0.52
N LEU A 294 2.32 8.31 -0.16
CA LEU A 294 2.08 9.75 -0.28
C LEU A 294 0.75 10.08 -0.96
N GLY A 295 0.52 9.54 -2.16
CA GLY A 295 -0.70 9.78 -2.90
C GLY A 295 -1.87 9.42 -2.03
N ARG A 296 -1.76 8.29 -1.34
CA ARG A 296 -2.82 7.88 -0.43
C ARG A 296 -2.94 8.90 0.69
N VAL A 297 -1.81 9.23 1.33
CA VAL A 297 -1.81 10.25 2.39
C VAL A 297 -2.59 11.49 2.00
N ILE A 298 -2.30 12.05 0.82
CA ILE A 298 -2.97 13.24 0.30
C ILE A 298 -4.47 12.97 0.21
N THR A 299 -4.85 12.10 -0.72
CA THR A 299 -6.26 11.75 -0.93
C THR A 299 -7.04 11.67 0.41
N ALA A 300 -6.38 11.08 1.40
CA ALA A 300 -6.95 10.88 2.72
C ALA A 300 -7.35 12.21 3.36
N LEU A 301 -6.45 13.19 3.25
CA LEU A 301 -6.64 14.55 3.80
C LEU A 301 -7.62 15.37 3.00
N VAL A 302 -7.64 15.16 1.68
CA VAL A 302 -8.51 15.96 0.84
C VAL A 302 -9.95 15.49 0.95
N GLU A 303 -10.17 14.18 0.87
CA GLU A 303 -11.50 13.62 1.04
C GLU A 303 -11.87 13.67 2.54
N ARG A 304 -11.04 14.37 3.31
CA ARG A 304 -11.20 14.52 4.75
C ARG A 304 -11.56 13.21 5.44
N THR A 305 -10.89 12.14 5.02
CA THR A 305 -11.10 10.81 5.57
C THR A 305 -10.51 10.71 6.99
N PRO A 306 -11.36 10.37 7.97
CA PRO A 306 -11.00 10.28 9.39
C PRO A 306 -9.65 9.64 9.69
N HIS A 307 -9.21 8.73 8.83
CA HIS A 307 -7.93 8.05 9.06
C HIS A 307 -6.90 8.21 7.95
N VAL A 308 -5.74 8.77 8.28
CA VAL A 308 -4.70 8.96 7.27
C VAL A 308 -3.56 8.01 7.52
N PRO A 309 -3.25 7.16 6.52
CA PRO A 309 -2.24 6.10 6.51
C PRO A 309 -0.78 6.58 6.62
N TYR A 310 -0.47 7.51 7.52
CA TYR A 310 0.91 7.98 7.66
C TYR A 310 1.85 6.78 7.72
N ARG A 311 1.66 6.04 8.80
CA ARG A 311 2.41 4.84 9.17
C ARG A 311 2.60 3.75 8.14
N GLU A 312 2.22 3.97 6.90
CA GLU A 312 2.38 2.88 5.93
C GLU A 312 3.63 2.96 5.04
N SER A 313 4.49 3.94 5.31
CA SER A 313 5.72 4.12 4.52
C SER A 313 6.65 4.95 5.36
N LYS A 314 7.94 5.03 5.00
CA LYS A 314 8.89 5.79 5.80
C LYS A 314 8.75 7.28 5.62
N LEU A 315 8.78 7.73 4.37
CA LEU A 315 8.55 9.13 4.02
C LEU A 315 7.44 9.71 4.92
N THR A 316 6.23 9.16 4.81
CA THR A 316 5.06 9.67 5.55
C THR A 316 5.23 9.81 7.05
N ARG A 317 5.88 8.83 7.65
CA ARG A 317 6.09 8.83 9.08
C ARG A 317 7.12 9.89 9.34
N ILE A 318 8.23 9.70 8.64
CA ILE A 318 9.37 10.58 8.68
C ILE A 318 8.91 12.04 8.48
N LEU A 319 7.90 12.25 7.62
CA LEU A 319 7.47 13.59 7.22
C LEU A 319 5.98 13.88 7.37
N GLN A 320 5.35 13.44 8.44
CA GLN A 320 3.91 13.69 8.55
C GLN A 320 3.43 15.06 8.92
N ASP A 321 4.16 15.72 9.82
CA ASP A 321 3.71 17.03 10.24
C ASP A 321 3.47 17.97 9.07
N SER A 322 4.10 17.68 7.94
CA SER A 322 3.98 18.52 6.75
C SER A 322 2.68 18.19 6.02
N LEU A 323 2.25 16.96 6.18
CA LEU A 323 1.04 16.54 5.52
C LEU A 323 -0.12 16.66 6.49
N GLY A 324 -0.71 17.86 6.57
CA GLY A 324 -1.78 18.18 7.52
C GLY A 324 -1.32 18.53 8.94
N GLY A 325 -0.03 18.74 9.18
CA GLY A 325 0.40 19.07 10.54
C GLY A 325 0.50 20.56 10.88
N ARG A 326 1.57 20.94 11.56
CA ARG A 326 1.78 22.33 11.89
C ARG A 326 2.73 22.94 10.86
N THR A 327 3.46 22.10 10.13
CA THR A 327 4.43 22.65 9.19
C THR A 327 3.83 23.24 7.94
N ARG A 328 4.47 24.30 7.46
CA ARG A 328 4.08 25.02 6.24
C ARG A 328 4.71 24.33 5.08
N THR A 329 3.91 23.76 4.21
CA THR A 329 4.50 23.05 3.10
C THR A 329 4.10 23.58 1.73
N SER A 330 5.00 23.48 0.75
CA SER A 330 4.68 23.88 -0.61
C SER A 330 5.19 22.82 -1.57
N ILE A 331 4.52 22.65 -2.69
CA ILE A 331 4.92 21.63 -3.67
C ILE A 331 5.33 22.33 -4.96
N ILE A 332 6.37 21.82 -5.64
CA ILE A 332 6.78 22.38 -6.94
C ILE A 332 6.61 21.26 -7.96
N ALA A 333 5.51 21.24 -8.69
CA ALA A 333 5.32 20.14 -9.63
C ALA A 333 6.11 20.42 -10.87
N THR A 334 6.68 19.37 -11.43
CA THR A 334 7.48 19.53 -12.63
C THR A 334 7.02 18.75 -13.87
N ILE A 335 7.10 19.42 -15.01
CA ILE A 335 6.56 18.83 -16.22
C ILE A 335 7.43 19.08 -17.46
N SER A 336 7.16 18.34 -18.54
CA SER A 336 7.84 18.55 -19.81
C SER A 336 6.84 18.79 -20.96
N PRO A 337 7.22 19.62 -21.95
CA PRO A 337 6.41 19.99 -23.14
C PRO A 337 6.31 18.85 -24.16
N ALA A 338 7.29 17.94 -24.14
CA ALA A 338 7.32 16.80 -25.04
C ALA A 338 5.93 16.16 -25.08
N SER A 339 5.49 15.77 -26.27
CA SER A 339 4.17 15.14 -26.43
C SER A 339 4.19 13.63 -26.17
N LEU A 340 5.36 13.12 -25.79
CA LEU A 340 5.51 11.73 -25.41
C LEU A 340 5.14 11.63 -23.93
N ASN A 341 5.30 12.75 -23.24
CA ASN A 341 5.05 12.88 -21.81
C ASN A 341 3.61 13.30 -21.46
N LEU A 342 2.73 13.37 -22.45
CA LEU A 342 1.35 13.81 -22.21
C LEU A 342 0.68 13.10 -21.03
N GLU A 343 0.75 11.78 -21.05
CA GLU A 343 0.13 10.95 -20.03
C GLU A 343 0.67 11.17 -18.64
N GLU A 344 1.95 11.47 -18.55
CA GLU A 344 2.52 11.73 -17.24
C GLU A 344 2.29 13.19 -16.85
N THR A 345 2.35 14.08 -17.84
CA THR A 345 2.15 15.49 -17.57
C THR A 345 0.77 15.68 -16.95
N LEU A 346 -0.25 15.18 -17.64
CA LEU A 346 -1.61 15.31 -17.14
C LEU A 346 -1.66 14.68 -15.77
N SER A 347 -1.09 13.50 -15.65
CA SER A 347 -1.09 12.86 -14.36
C SER A 347 -0.46 13.74 -13.27
N THR A 348 0.69 14.34 -13.58
CA THR A 348 1.40 15.17 -12.61
C THR A 348 0.65 16.43 -12.24
N LEU A 349 0.03 17.05 -13.25
CA LEU A 349 -0.76 18.28 -13.07
C LEU A 349 -2.07 18.03 -12.34
N GLU A 350 -2.62 16.82 -12.48
CA GLU A 350 -3.81 16.46 -11.73
C GLU A 350 -3.40 16.23 -10.28
N TYR A 351 -2.25 15.60 -10.08
CA TYR A 351 -1.77 15.30 -8.72
C TYR A 351 -1.58 16.62 -7.98
N ALA A 352 -0.76 17.50 -8.56
CA ALA A 352 -0.48 18.80 -7.96
C ALA A 352 -1.73 19.61 -7.69
N HIS A 353 -2.64 19.64 -8.66
CA HIS A 353 -3.86 20.41 -8.54
C HIS A 353 -4.78 19.97 -7.40
N ARG A 354 -4.69 18.70 -7.02
CA ARG A 354 -5.53 18.17 -5.96
C ARG A 354 -4.86 18.35 -4.61
N ALA A 355 -3.53 18.47 -4.61
CA ALA A 355 -2.76 18.55 -3.37
C ALA A 355 -2.93 19.92 -2.75
N LYS A 356 -3.75 20.74 -3.39
CA LYS A 356 -3.97 22.11 -2.97
C LYS A 356 -4.87 22.27 -1.76
N ASN A 357 -5.88 21.39 -1.66
CA ASN A 357 -6.89 21.41 -0.58
C ASN A 357 -6.38 20.91 0.77
N ILE A 358 -5.18 20.36 0.84
CA ILE A 358 -4.70 19.93 2.14
C ILE A 358 -4.47 21.23 2.88
N LEU A 359 -4.79 21.26 4.17
CA LEU A 359 -4.58 22.46 5.03
C LEU A 359 -3.79 22.13 6.29
N ASN A 360 -2.50 22.50 6.34
CA ASN A 360 -1.69 22.23 7.54
C ASN A 360 -1.59 23.43 8.49
N LYS A 361 -0.41 23.59 9.09
CA LYS A 361 -0.10 24.69 10.03
C LYS A 361 -0.95 24.63 11.29
N ASN B 17 -20.57 -10.71 -11.41
CA ASN B 17 -20.22 -12.12 -11.55
C ASN B 17 -20.03 -12.84 -10.21
N ILE B 18 -18.84 -12.68 -9.58
CA ILE B 18 -18.49 -13.32 -8.30
C ILE B 18 -19.68 -13.63 -7.35
N GLN B 19 -19.62 -14.76 -6.63
CA GLN B 19 -20.66 -15.15 -5.67
C GLN B 19 -20.32 -14.72 -4.24
N VAL B 20 -21.20 -13.99 -3.58
CA VAL B 20 -20.97 -13.48 -2.22
C VAL B 20 -22.10 -13.82 -1.27
N VAL B 21 -21.76 -14.36 -0.11
CA VAL B 21 -22.76 -14.70 0.88
C VAL B 21 -22.36 -14.24 2.29
N VAL B 22 -23.36 -14.12 3.18
CA VAL B 22 -23.16 -13.70 4.59
C VAL B 22 -23.55 -14.81 5.60
N ARG B 23 -22.80 -14.94 6.69
CA ARG B 23 -23.15 -15.96 7.67
C ARG B 23 -23.16 -15.39 9.09
N CYS B 24 -24.35 -15.27 9.71
CA CYS B 24 -24.43 -14.77 11.08
C CYS B 24 -24.24 -15.89 12.09
N ARG B 25 -23.29 -15.69 13.00
CA ARG B 25 -23.02 -16.66 14.05
C ARG B 25 -23.85 -16.26 15.26
N PRO B 26 -24.49 -17.20 15.94
CA PRO B 26 -25.26 -16.76 17.11
C PRO B 26 -24.38 -16.21 18.22
N PHE B 27 -25.01 -15.76 19.32
CA PHE B 27 -24.30 -15.29 20.50
C PHE B 27 -23.68 -16.48 21.22
N ASN B 28 -23.02 -16.23 22.34
CA ASN B 28 -22.42 -17.33 23.10
C ASN B 28 -23.15 -17.50 24.43
N LEU B 29 -22.40 -17.92 25.43
CA LEU B 29 -22.87 -18.09 26.80
C LEU B 29 -22.77 -16.73 27.51
N ALA B 30 -21.78 -15.93 27.11
CA ALA B 30 -21.57 -14.62 27.70
C ALA B 30 -22.55 -13.58 27.16
N GLU B 31 -22.58 -13.42 25.84
CA GLU B 31 -23.46 -12.44 25.21
C GLU B 31 -24.93 -12.56 25.62
N ARG B 32 -25.57 -13.69 25.28
CA ARG B 32 -27.00 -13.93 25.54
C ARG B 32 -27.43 -14.05 27.02
N LYS B 33 -26.48 -14.46 27.86
CA LYS B 33 -26.72 -14.57 29.31
C LYS B 33 -26.87 -13.16 29.90
N ALA B 34 -26.55 -12.16 29.06
CA ALA B 34 -26.64 -10.74 29.38
C ALA B 34 -27.54 -10.07 28.34
N SER B 35 -28.69 -10.71 28.12
CA SER B 35 -29.73 -10.27 27.17
C SER B 35 -29.25 -9.91 25.76
N ALA B 36 -29.39 -10.89 24.87
CA ALA B 36 -28.98 -10.78 23.46
C ALA B 36 -29.96 -10.02 22.56
N HIS B 37 -29.71 -8.73 22.37
CA HIS B 37 -30.53 -7.88 21.52
C HIS B 37 -29.87 -7.71 20.15
N SER B 38 -29.85 -8.80 19.39
CA SER B 38 -29.22 -8.80 18.09
C SER B 38 -29.57 -7.58 17.25
N ILE B 39 -28.59 -6.71 17.02
CA ILE B 39 -28.78 -5.54 16.18
C ILE B 39 -28.56 -5.97 14.72
N VAL B 40 -28.74 -7.25 14.45
CA VAL B 40 -28.58 -7.79 13.09
C VAL B 40 -29.71 -8.78 12.74
N GLU B 41 -30.00 -8.92 11.45
CA GLU B 41 -31.08 -9.81 11.02
C GLU B 41 -30.80 -10.53 9.71
N CYS B 42 -30.43 -11.80 9.78
CA CYS B 42 -30.09 -12.54 8.57
C CYS B 42 -31.26 -13.36 8.00
N ASP B 43 -32.21 -12.72 7.32
CA ASP B 43 -33.35 -13.41 6.69
C ASP B 43 -32.91 -14.16 5.45
N PRO B 44 -32.65 -15.48 5.57
CA PRO B 44 -32.22 -16.31 4.44
C PRO B 44 -33.21 -16.23 3.32
N VAL B 45 -34.46 -16.01 3.69
CA VAL B 45 -35.52 -15.93 2.73
C VAL B 45 -35.31 -14.81 1.72
N ARG B 46 -35.57 -13.58 2.16
CA ARG B 46 -35.38 -12.43 1.30
C ARG B 46 -33.89 -12.24 0.99
N LYS B 47 -33.06 -13.16 1.52
CA LYS B 47 -31.61 -13.15 1.34
C LYS B 47 -31.00 -11.86 1.80
N GLU B 48 -31.55 -11.20 2.81
CA GLU B 48 -30.91 -9.96 3.24
C GLU B 48 -30.43 -10.02 4.66
N VAL B 49 -29.94 -8.87 5.16
CA VAL B 49 -29.38 -8.68 6.52
C VAL B 49 -29.53 -7.21 6.86
N SER B 50 -30.17 -6.92 8.00
CA SER B 50 -30.50 -5.56 8.41
C SER B 50 -29.94 -5.19 9.79
N VAL B 51 -29.08 -4.18 9.76
CA VAL B 51 -28.34 -3.72 10.94
C VAL B 51 -28.99 -2.55 11.67
N ARG B 52 -28.88 -2.51 12.99
CA ARG B 52 -29.45 -1.40 13.75
C ARG B 52 -28.47 -0.29 14.15
N THR B 53 -28.34 0.71 13.27
CA THR B 53 -27.42 1.83 13.45
C THR B 53 -27.73 2.82 14.62
N GLY B 54 -29.02 3.08 14.84
CA GLY B 54 -29.53 3.93 15.90
C GLY B 54 -30.95 3.50 16.28
N GLY B 55 -31.46 4.03 17.41
CA GLY B 55 -32.80 3.77 17.94
C GLY B 55 -33.10 2.34 18.41
N LEU B 56 -34.18 2.15 19.17
CA LEU B 56 -34.54 0.80 19.68
C LEU B 56 -35.38 -0.09 18.74
N ALA B 57 -36.09 -1.06 19.33
CA ALA B 57 -36.96 -1.96 18.53
C ALA B 57 -38.21 -1.20 18.10
N ASP B 58 -38.71 -0.34 18.99
CA ASP B 58 -39.88 0.48 18.68
C ASP B 58 -39.60 1.41 17.49
N LYS B 59 -38.64 2.32 17.68
CA LYS B 59 -38.24 3.24 16.63
C LYS B 59 -36.75 3.02 16.32
N SER B 60 -36.44 2.81 15.04
CA SER B 60 -35.06 2.57 14.61
C SER B 60 -34.76 3.15 13.24
N SER B 61 -33.50 2.96 12.83
CA SER B 61 -32.95 3.38 11.55
C SER B 61 -31.89 2.33 11.23
N ARG B 62 -32.30 1.28 10.53
CA ARG B 62 -31.44 0.16 10.19
C ARG B 62 -30.55 0.39 8.97
N LYS B 63 -30.02 -0.71 8.45
CA LYS B 63 -29.17 -0.72 7.26
C LYS B 63 -29.34 -2.08 6.53
N THR B 64 -29.89 -2.08 5.33
CA THR B 64 -30.13 -3.34 4.64
C THR B 64 -29.31 -3.56 3.39
N TYR B 65 -28.68 -4.74 3.32
CA TYR B 65 -27.87 -5.15 2.19
C TYR B 65 -28.47 -6.48 1.72
N THR B 66 -28.41 -6.72 0.40
CA THR B 66 -28.92 -7.95 -0.22
C THR B 66 -27.73 -8.70 -0.79
N PHE B 67 -27.68 -10.01 -0.52
CA PHE B 67 -26.59 -10.84 -1.01
C PHE B 67 -27.14 -12.03 -1.83
N ASP B 68 -26.24 -12.82 -2.41
CA ASP B 68 -26.62 -13.97 -3.22
C ASP B 68 -27.39 -15.02 -2.37
N MET B 69 -26.85 -15.32 -1.20
CA MET B 69 -27.45 -16.25 -0.25
C MET B 69 -27.19 -15.61 1.08
N VAL B 70 -27.98 -16.00 2.09
CA VAL B 70 -27.80 -15.50 3.45
C VAL B 70 -28.02 -16.56 4.52
N PHE B 71 -27.00 -16.86 5.32
CA PHE B 71 -27.14 -17.89 6.35
C PHE B 71 -27.25 -17.31 7.73
N GLY B 72 -28.30 -17.73 8.44
CA GLY B 72 -28.60 -17.30 9.79
C GLY B 72 -27.96 -18.17 10.86
N ALA B 73 -28.09 -17.75 12.11
CA ALA B 73 -27.53 -18.49 13.22
C ALA B 73 -27.81 -20.00 13.04
N SER B 74 -29.06 -20.28 12.65
CA SER B 74 -29.55 -21.62 12.40
C SER B 74 -28.56 -22.47 11.60
N THR B 75 -28.48 -22.21 10.30
CA THR B 75 -27.62 -22.91 9.34
C THR B 75 -26.44 -23.76 9.86
N LYS B 76 -26.57 -25.07 9.66
CA LYS B 76 -25.54 -26.02 10.06
C LYS B 76 -24.51 -26.14 8.93
N GLN B 77 -23.30 -26.57 9.27
CA GLN B 77 -22.21 -26.71 8.30
C GLN B 77 -22.69 -27.38 7.02
N ILE B 78 -23.20 -28.62 7.14
CA ILE B 78 -23.70 -29.39 5.99
C ILE B 78 -24.51 -28.54 5.06
N ASP B 79 -25.36 -27.71 5.65
CA ASP B 79 -26.17 -26.77 4.90
C ASP B 79 -25.32 -25.79 4.08
N VAL B 80 -24.33 -25.18 4.74
CA VAL B 80 -23.43 -24.29 4.06
C VAL B 80 -22.82 -25.04 2.89
N TYR B 81 -22.27 -26.20 3.20
CA TYR B 81 -21.66 -27.09 2.20
C TYR B 81 -22.49 -27.37 0.92
N ARG B 82 -23.74 -27.82 1.11
CA ARG B 82 -24.64 -28.07 -0.03
C ARG B 82 -24.94 -26.78 -0.79
N SER B 83 -25.30 -25.73 -0.06
CA SER B 83 -25.61 -24.44 -0.66
C SER B 83 -24.46 -23.83 -1.47
N VAL B 84 -23.30 -23.79 -0.83
CA VAL B 84 -22.13 -23.15 -1.39
C VAL B 84 -21.12 -24.04 -2.13
N VAL B 85 -20.59 -25.03 -1.41
CA VAL B 85 -19.50 -25.87 -1.90
C VAL B 85 -19.83 -26.93 -2.96
N CYS B 86 -20.90 -27.70 -2.72
CA CYS B 86 -21.27 -28.82 -3.61
C CYS B 86 -21.04 -28.55 -5.09
N PRO B 87 -21.56 -27.41 -5.60
CA PRO B 87 -21.38 -26.94 -6.97
C PRO B 87 -19.90 -26.73 -7.23
N ILE B 88 -19.30 -25.79 -6.49
CA ILE B 88 -17.87 -25.48 -6.55
C ILE B 88 -17.07 -26.77 -6.73
N LEU B 89 -17.43 -27.80 -5.98
CA LEU B 89 -16.76 -29.08 -6.11
C LEU B 89 -16.92 -29.66 -7.54
N ASP B 90 -18.16 -29.97 -7.93
CA ASP B 90 -18.47 -30.44 -9.27
C ASP B 90 -17.72 -29.61 -10.34
N GLU B 91 -17.81 -28.28 -10.25
CA GLU B 91 -17.09 -27.45 -11.20
C GLU B 91 -15.62 -27.82 -11.28
N VAL B 92 -14.93 -27.85 -10.15
CA VAL B 92 -13.52 -28.23 -10.16
C VAL B 92 -13.38 -29.57 -10.83
N ILE B 93 -14.15 -30.54 -10.35
CA ILE B 93 -14.15 -31.91 -10.89
C ILE B 93 -14.14 -31.93 -12.45
N MET B 94 -14.93 -31.07 -13.07
CA MET B 94 -14.97 -30.95 -14.52
C MET B 94 -13.63 -30.44 -15.07
N GLY B 95 -12.75 -30.03 -14.17
CA GLY B 95 -11.44 -29.55 -14.56
C GLY B 95 -11.22 -28.07 -14.30
N TYR B 96 -12.18 -27.44 -13.65
CA TYR B 96 -12.11 -26.01 -13.36
C TYR B 96 -11.44 -25.59 -12.06
N ASN B 97 -10.95 -24.38 -12.03
CA ASN B 97 -10.29 -23.87 -10.85
C ASN B 97 -11.25 -22.96 -10.07
N CYS B 98 -11.49 -23.22 -8.79
CA CYS B 98 -12.31 -22.31 -8.01
C CYS B 98 -11.55 -21.82 -6.78
N THR B 99 -12.06 -20.75 -6.18
CA THR B 99 -11.52 -20.21 -4.92
C THR B 99 -12.62 -19.70 -3.97
N ILE B 100 -12.52 -20.07 -2.71
CA ILE B 100 -13.52 -19.63 -1.75
C ILE B 100 -12.84 -18.91 -0.62
N PHE B 101 -13.20 -17.65 -0.45
CA PHE B 101 -12.63 -16.81 0.59
C PHE B 101 -13.55 -16.81 1.81
N ALA B 102 -12.99 -16.54 2.98
CA ALA B 102 -13.81 -16.34 4.18
C ALA B 102 -13.30 -14.99 4.68
N TYR B 103 -14.18 -14.00 4.71
CA TYR B 103 -13.85 -12.62 5.09
C TYR B 103 -14.70 -12.16 6.25
N GLY B 104 -14.11 -11.48 7.23
CA GLY B 104 -14.90 -10.99 8.33
C GLY B 104 -13.98 -10.50 9.44
N GLN B 105 -14.55 -9.92 10.48
CA GLN B 105 -13.77 -9.46 11.62
C GLN B 105 -13.49 -10.68 12.48
N THR B 106 -12.44 -10.57 13.31
CA THR B 106 -11.96 -11.63 14.20
C THR B 106 -13.03 -12.15 15.16
N GLY B 107 -13.12 -13.45 15.33
CA GLY B 107 -14.08 -14.01 16.27
C GLY B 107 -15.54 -14.02 15.83
N THR B 108 -15.76 -14.32 14.56
CA THR B 108 -17.08 -14.34 13.95
C THR B 108 -17.36 -15.63 13.13
N GLY B 109 -16.51 -16.65 13.19
CA GLY B 109 -16.80 -17.85 12.41
C GLY B 109 -16.11 -18.06 11.07
N LYS B 110 -15.11 -17.24 10.79
CA LYS B 110 -14.33 -17.45 9.55
C LYS B 110 -13.67 -18.85 9.63
N THR B 111 -13.24 -19.25 10.82
CA THR B 111 -12.50 -20.48 10.92
C THR B 111 -13.38 -21.67 11.19
N PHE B 112 -14.53 -21.37 11.78
CA PHE B 112 -15.55 -22.38 12.07
C PHE B 112 -16.15 -22.79 10.72
N THR B 113 -16.54 -21.80 9.93
CA THR B 113 -17.09 -22.00 8.58
C THR B 113 -16.11 -22.66 7.60
N MET B 114 -14.81 -22.47 7.77
CA MET B 114 -13.91 -23.04 6.78
C MET B 114 -13.18 -24.28 7.24
N GLU B 115 -13.07 -24.45 8.55
CA GLU B 115 -12.41 -25.64 9.04
C GLU B 115 -13.34 -26.45 9.92
N GLY B 116 -14.10 -25.74 10.75
CA GLY B 116 -15.04 -26.36 11.66
C GLY B 116 -14.39 -26.94 12.91
N GLU B 117 -15.24 -27.33 13.85
CA GLU B 117 -14.78 -27.92 15.11
C GLU B 117 -15.19 -29.38 15.25
N ARG B 118 -14.69 -30.03 16.29
CA ARG B 118 -15.07 -31.39 16.57
C ARG B 118 -16.14 -31.36 17.64
N SER B 119 -17.17 -32.18 17.50
CA SER B 119 -18.23 -32.20 18.50
C SER B 119 -17.66 -32.60 19.87
N PRO B 120 -18.15 -31.95 20.93
CA PRO B 120 -17.47 -32.33 22.17
C PRO B 120 -17.62 -33.80 22.61
N ASN B 121 -16.66 -34.24 23.41
CA ASN B 121 -16.65 -35.56 24.03
C ASN B 121 -16.57 -36.78 23.13
N GLU B 122 -15.64 -36.76 22.18
CA GLU B 122 -15.43 -37.89 21.27
C GLU B 122 -16.72 -38.59 20.79
N GLU B 123 -17.84 -37.85 20.85
CA GLU B 123 -19.15 -38.41 20.49
C GLU B 123 -19.33 -38.79 19.02
N TYR B 124 -18.52 -38.20 18.13
CA TYR B 124 -18.58 -38.46 16.68
C TYR B 124 -17.22 -38.77 16.09
N THR B 125 -17.24 -39.39 14.92
CA THR B 125 -16.02 -39.76 14.21
C THR B 125 -15.78 -38.74 13.12
N TRP B 126 -14.51 -38.54 12.80
CA TRP B 126 -14.17 -37.51 11.85
C TRP B 126 -15.07 -37.37 10.62
N GLU B 127 -15.22 -38.45 9.84
CA GLU B 127 -16.05 -38.39 8.64
C GLU B 127 -17.55 -38.10 8.81
N GLU B 128 -18.01 -37.96 10.06
CA GLU B 128 -19.43 -37.75 10.37
C GLU B 128 -19.77 -36.52 11.24
N ASP B 129 -18.75 -35.81 11.75
CA ASP B 129 -18.94 -34.67 12.65
C ASP B 129 -19.57 -33.45 12.03
N PRO B 130 -20.85 -33.24 12.31
CA PRO B 130 -21.78 -32.17 11.93
C PRO B 130 -21.22 -30.75 12.17
N LEU B 131 -20.25 -30.64 13.08
CA LEU B 131 -19.61 -29.38 13.43
C LEU B 131 -18.38 -29.23 12.53
N ALA B 132 -18.22 -30.16 11.59
CA ALA B 132 -17.09 -30.11 10.68
C ALA B 132 -17.44 -29.18 9.50
N GLY B 133 -16.48 -28.30 9.16
CA GLY B 133 -16.56 -27.25 8.16
C GLY B 133 -16.06 -27.69 6.79
N ILE B 134 -16.00 -26.74 5.85
CA ILE B 134 -15.64 -27.00 4.46
C ILE B 134 -14.50 -27.98 4.15
N ILE B 135 -13.30 -27.59 4.54
CA ILE B 135 -12.12 -28.39 4.22
C ILE B 135 -12.26 -29.89 4.42
N PRO B 136 -12.64 -30.32 5.63
CA PRO B 136 -12.83 -31.76 5.89
C PRO B 136 -13.77 -32.40 4.86
N ARG B 137 -15.02 -31.94 4.85
CA ARG B 137 -16.03 -32.42 3.90
C ARG B 137 -15.49 -32.51 2.49
N THR B 138 -15.18 -31.35 1.91
CA THR B 138 -14.65 -31.23 0.56
C THR B 138 -13.70 -32.35 0.23
N LEU B 139 -12.89 -32.72 1.20
CA LEU B 139 -11.94 -33.77 0.97
C LEU B 139 -12.68 -35.07 0.91
N HIS B 140 -13.43 -35.34 1.97
CA HIS B 140 -14.20 -36.56 2.04
C HIS B 140 -15.05 -36.80 0.79
N GLN B 141 -15.64 -35.75 0.28
CA GLN B 141 -16.46 -35.85 -0.90
C GLN B 141 -15.67 -36.27 -2.14
N ILE B 142 -14.48 -35.69 -2.32
CA ILE B 142 -13.65 -36.03 -3.46
C ILE B 142 -13.59 -37.54 -3.63
N PHE B 143 -13.18 -38.22 -2.58
CA PHE B 143 -13.13 -39.68 -2.59
C PHE B 143 -14.51 -40.36 -2.82
N GLU B 144 -15.57 -39.91 -2.17
CA GLU B 144 -16.89 -40.52 -2.47
C GLU B 144 -17.18 -40.33 -3.96
N LYS B 145 -17.45 -39.08 -4.33
CA LYS B 145 -17.69 -38.66 -5.70
C LYS B 145 -16.95 -39.44 -6.80
N LEU B 146 -15.63 -39.59 -6.72
CA LEU B 146 -14.89 -40.34 -7.75
C LEU B 146 -14.50 -41.77 -7.34
N THR B 147 -15.29 -42.36 -6.44
CA THR B 147 -14.98 -43.68 -5.88
C THR B 147 -14.99 -44.83 -6.86
N ASP B 148 -15.61 -44.62 -8.02
CA ASP B 148 -15.70 -45.65 -9.06
C ASP B 148 -16.50 -45.16 -10.27
N ASN B 149 -16.62 -43.83 -10.34
CA ASN B 149 -17.34 -43.17 -11.43
C ASN B 149 -16.72 -43.49 -12.77
N GLY B 150 -15.46 -43.92 -12.78
CA GLY B 150 -14.73 -44.26 -14.00
C GLY B 150 -13.43 -43.48 -14.20
N THR B 151 -13.27 -42.39 -13.47
CA THR B 151 -12.07 -41.55 -13.57
C THR B 151 -10.90 -42.04 -12.71
N GLU B 152 -9.70 -41.71 -13.16
CA GLU B 152 -8.47 -42.04 -12.45
C GLU B 152 -8.01 -40.70 -11.91
N PHE B 153 -7.86 -40.60 -10.59
CA PHE B 153 -7.47 -39.34 -9.96
C PHE B 153 -6.40 -39.43 -8.89
N SER B 154 -6.21 -38.30 -8.21
CA SER B 154 -5.27 -38.16 -7.11
C SER B 154 -5.50 -36.76 -6.54
N VAL B 155 -5.21 -36.63 -5.24
CA VAL B 155 -5.41 -35.37 -4.53
C VAL B 155 -4.17 -35.02 -3.74
N LYS B 156 -3.69 -33.79 -3.91
CA LYS B 156 -2.57 -33.25 -3.14
C LYS B 156 -3.10 -31.99 -2.44
N VAL B 157 -2.74 -31.82 -1.18
CA VAL B 157 -3.18 -30.68 -0.38
C VAL B 157 -1.99 -29.75 -0.11
N SER B 158 -2.28 -28.45 0.04
CA SER B 158 -1.27 -27.44 0.30
C SER B 158 -1.74 -26.52 1.43
N LEU B 159 -0.79 -26.08 2.26
CA LEU B 159 -1.09 -25.18 3.39
C LEU B 159 -0.21 -23.92 3.45
N LEU B 160 -0.40 -23.04 2.48
CA LEU B 160 0.38 -21.81 2.40
C LEU B 160 -0.19 -20.75 3.30
N GLU B 161 0.61 -20.22 4.22
CA GLU B 161 0.10 -19.19 5.14
C GLU B 161 0.92 -17.88 5.18
N ILE B 162 0.20 -16.75 5.11
CA ILE B 162 0.86 -15.47 5.13
C ILE B 162 0.83 -14.78 6.49
N TYR B 163 2.01 -14.38 6.93
CA TYR B 163 2.08 -13.64 8.16
C TYR B 163 3.15 -12.54 8.11
N ASN B 164 2.68 -11.30 8.02
CA ASN B 164 3.58 -10.17 7.97
C ASN B 164 4.36 -10.17 6.68
N GLU B 165 3.65 -10.38 5.57
CA GLU B 165 4.24 -10.46 4.22
C GLU B 165 5.31 -11.55 4.13
N GLU B 166 5.25 -12.55 5.01
CA GLU B 166 6.21 -13.62 4.94
C GLU B 166 5.41 -14.91 4.87
N LEU B 167 5.82 -15.82 4.01
CA LEU B 167 5.08 -17.06 3.79
C LEU B 167 5.56 -18.33 4.51
N PHE B 168 4.59 -19.19 4.89
CA PHE B 168 4.82 -20.39 5.70
C PHE B 168 4.06 -21.64 5.26
N ASP B 169 4.78 -22.75 5.24
CA ASP B 169 4.28 -24.06 4.85
C ASP B 169 3.90 -24.74 6.14
N LEU B 170 2.60 -25.02 6.28
CA LEU B 170 2.05 -25.58 7.52
C LEU B 170 1.96 -27.09 7.63
N LEU B 171 2.10 -27.81 6.51
CA LEU B 171 2.10 -29.28 6.49
C LEU B 171 3.47 -29.90 6.13
N ASN B 172 4.49 -29.10 5.94
CA ASN B 172 5.81 -29.66 5.64
C ASN B 172 6.50 -30.05 6.94
N PRO B 173 6.41 -31.34 7.34
CA PRO B 173 7.01 -31.83 8.59
C PRO B 173 8.51 -32.04 8.46
N SER B 174 9.09 -31.58 7.35
CA SER B 174 10.53 -31.71 7.19
C SER B 174 11.22 -30.44 7.67
N SER B 175 10.43 -29.40 7.95
CA SER B 175 10.93 -28.13 8.46
C SER B 175 10.07 -27.65 9.63
N ASP B 176 10.56 -26.68 10.38
CA ASP B 176 9.80 -26.08 11.48
C ASP B 176 9.29 -24.72 11.00
N VAL B 177 8.13 -24.33 11.49
CA VAL B 177 7.48 -23.07 11.11
C VAL B 177 8.43 -21.90 10.85
N SER B 178 9.32 -21.63 11.82
CA SER B 178 10.31 -20.55 11.73
C SER B 178 10.92 -20.29 10.35
N GLU B 179 10.73 -21.25 9.44
CA GLU B 179 11.29 -21.21 8.10
C GLU B 179 10.31 -20.67 7.04
N ARG B 180 10.48 -19.41 6.68
CA ARG B 180 9.64 -18.81 5.65
C ARG B 180 10.10 -19.37 4.32
N LEU B 181 9.28 -19.17 3.27
CA LEU B 181 9.62 -19.64 1.93
C LEU B 181 9.76 -18.46 0.96
N GLN B 182 10.35 -18.68 -0.22
CA GLN B 182 10.46 -17.62 -1.21
C GLN B 182 9.55 -17.80 -2.41
N MET B 183 9.08 -16.67 -2.93
CA MET B 183 8.20 -16.70 -4.06
C MET B 183 8.75 -15.87 -5.20
N PHE B 184 8.68 -16.48 -6.38
CA PHE B 184 9.17 -15.86 -7.60
C PHE B 184 8.08 -16.07 -8.62
N ASP B 185 8.16 -15.29 -9.68
CA ASP B 185 7.22 -15.38 -10.78
C ASP B 185 7.55 -16.58 -11.67
N ASP B 186 6.52 -17.34 -12.01
CA ASP B 186 6.70 -18.52 -12.83
C ASP B 186 6.92 -18.11 -14.27
N PRO B 187 8.18 -17.90 -14.69
CA PRO B 187 8.59 -17.44 -16.02
C PRO B 187 7.69 -18.03 -17.12
N ARG B 188 7.03 -19.15 -16.85
CA ARG B 188 6.07 -19.73 -17.79
C ARG B 188 4.92 -18.71 -17.99
N ASN B 189 3.88 -18.79 -17.16
CA ASN B 189 2.75 -17.82 -17.22
C ASN B 189 2.97 -16.66 -16.26
N LYS B 190 2.88 -15.43 -16.75
CA LYS B 190 3.11 -14.25 -15.89
C LYS B 190 1.95 -13.86 -14.99
N ARG B 191 0.90 -14.66 -15.04
CA ARG B 191 -0.26 -14.43 -14.20
C ARG B 191 -0.01 -15.33 -13.00
N GLY B 192 1.17 -15.95 -13.01
CA GLY B 192 1.57 -16.91 -12.01
C GLY B 192 2.79 -16.59 -11.18
N VAL B 193 3.06 -17.51 -10.25
CA VAL B 193 4.13 -17.41 -9.26
C VAL B 193 4.66 -18.81 -8.93
N ILE B 194 5.84 -18.85 -8.32
CA ILE B 194 6.42 -20.12 -7.88
C ILE B 194 6.87 -19.96 -6.44
N ILE B 195 6.48 -20.91 -5.59
CA ILE B 195 6.84 -20.90 -4.17
C ILE B 195 7.93 -21.94 -3.97
N LYS B 196 9.00 -21.58 -3.28
CA LYS B 196 10.09 -22.54 -3.10
C LYS B 196 10.11 -23.22 -1.73
N GLY B 197 9.72 -24.49 -1.67
CA GLY B 197 9.70 -25.22 -0.43
C GLY B 197 8.33 -25.79 -0.12
N LEU B 198 7.31 -25.23 -0.75
CA LEU B 198 5.95 -25.70 -0.49
C LEU B 198 5.70 -27.23 -0.69
N GLU B 199 5.47 -27.94 0.43
CA GLU B 199 5.15 -29.39 0.40
C GLU B 199 3.71 -29.64 -0.02
N GLU B 200 3.52 -30.58 -0.95
CA GLU B 200 2.20 -30.95 -1.41
C GLU B 200 1.91 -32.39 -0.96
N ILE B 201 1.02 -32.52 0.03
CA ILE B 201 0.69 -33.82 0.58
C ILE B 201 -0.31 -34.65 -0.25
N THR B 202 0.08 -35.87 -0.58
CA THR B 202 -0.79 -36.70 -1.41
C THR B 202 -1.73 -37.38 -0.45
N VAL B 203 -2.99 -37.51 -0.84
CA VAL B 203 -3.97 -38.16 0.01
C VAL B 203 -4.49 -39.31 -0.84
N HIS B 204 -3.93 -40.50 -0.62
CA HIS B 204 -4.24 -41.72 -1.40
C HIS B 204 -5.61 -42.29 -1.04
N ASN B 205 -6.15 -41.85 0.08
CA ASN B 205 -7.46 -42.31 0.45
C ASN B 205 -8.12 -41.44 1.52
N LYS B 206 -9.43 -41.61 1.71
CA LYS B 206 -10.16 -40.83 2.70
C LYS B 206 -9.70 -41.28 4.09
N ASP B 207 -8.73 -42.18 4.11
CA ASP B 207 -8.25 -42.71 5.37
C ASP B 207 -6.97 -42.06 5.91
N GLU B 208 -6.35 -41.20 5.10
CA GLU B 208 -5.20 -40.46 5.58
C GLU B 208 -5.47 -38.97 5.78
N VAL B 209 -6.59 -38.50 5.27
CA VAL B 209 -6.92 -37.09 5.40
C VAL B 209 -6.83 -36.60 6.85
N TYR B 210 -7.76 -37.04 7.71
CA TYR B 210 -7.84 -36.61 9.12
C TYR B 210 -6.53 -36.37 9.80
N GLN B 211 -5.60 -37.30 9.64
CA GLN B 211 -4.30 -37.16 10.26
C GLN B 211 -3.44 -36.12 9.58
N ILE B 212 -3.67 -35.85 8.32
CA ILE B 212 -2.89 -34.85 7.61
C ILE B 212 -3.16 -33.51 8.30
N LEU B 213 -4.43 -33.23 8.53
CA LEU B 213 -4.80 -32.00 9.20
C LEU B 213 -4.07 -31.96 10.56
N GLU B 214 -4.26 -33.01 11.36
CA GLU B 214 -3.59 -33.16 12.66
C GLU B 214 -2.15 -32.61 12.72
N LYS B 215 -1.41 -32.78 11.64
CA LYS B 215 -0.07 -32.25 11.58
C LYS B 215 0.02 -30.75 11.26
N GLY B 216 -1.08 -30.17 10.77
CA GLY B 216 -1.12 -28.76 10.42
C GLY B 216 -1.55 -28.06 11.69
N ALA B 217 -2.55 -28.66 12.34
CA ALA B 217 -3.09 -28.14 13.59
C ALA B 217 -1.92 -28.10 14.54
N ALA B 218 -1.22 -29.22 14.62
CA ALA B 218 -0.04 -29.36 15.48
C ALA B 218 0.84 -28.15 15.25
N LYS B 219 1.41 -28.14 14.05
CA LYS B 219 2.30 -27.16 13.48
C LYS B 219 1.81 -25.74 13.62
N ARG B 220 0.51 -25.52 13.61
CA ARG B 220 -0.04 -24.15 13.72
C ARG B 220 0.04 -23.58 15.13
N THR B 221 0.24 -24.43 16.11
CA THR B 221 0.30 -24.00 17.49
C THR B 221 1.70 -23.48 17.76
N THR B 222 2.69 -24.03 17.05
CA THR B 222 4.06 -23.55 17.26
C THR B 222 4.17 -22.27 16.49
N ALA B 223 3.30 -22.21 15.48
CA ALA B 223 3.18 -21.11 14.59
C ALA B 223 2.67 -19.98 15.44
N ALA B 224 1.80 -20.33 16.39
CA ALA B 224 1.22 -19.36 17.30
C ALA B 224 2.24 -18.87 18.33
N THR B 225 3.03 -19.79 18.84
CA THR B 225 3.99 -19.35 19.85
C THR B 225 4.90 -18.26 19.32
N LEU B 226 5.60 -18.54 18.24
CA LEU B 226 6.50 -17.58 17.61
C LEU B 226 5.94 -16.20 17.32
N MET B 227 4.91 -16.14 16.47
CA MET B 227 4.32 -14.87 16.01
C MET B 227 3.17 -14.34 16.88
N ASN B 228 3.16 -13.03 17.06
CA ASN B 228 2.10 -12.33 17.82
C ASN B 228 0.74 -12.32 17.08
N ALA B 229 -0.29 -12.81 17.75
CA ALA B 229 -1.61 -12.83 17.19
C ALA B 229 -1.63 -13.56 15.87
N TYR B 230 -0.94 -14.68 15.78
CA TYR B 230 -0.94 -15.45 14.54
C TYR B 230 -2.36 -15.77 14.08
N SER B 231 -3.03 -16.62 14.86
CA SER B 231 -4.35 -17.07 14.50
C SER B 231 -5.24 -15.97 14.06
N SER B 232 -5.02 -14.77 14.57
CA SER B 232 -5.95 -13.73 14.20
C SER B 232 -5.46 -12.79 13.07
N ARG B 233 -4.15 -12.83 12.82
CA ARG B 233 -3.51 -11.92 11.87
C ARG B 233 -2.89 -12.57 10.63
N SER B 234 -3.24 -13.82 10.35
CA SER B 234 -2.66 -14.55 9.21
C SER B 234 -3.59 -15.02 8.10
N HIS B 235 -3.04 -15.07 6.89
CA HIS B 235 -3.77 -15.57 5.74
C HIS B 235 -3.44 -17.05 5.51
N SER B 236 -4.46 -17.89 5.57
CA SER B 236 -4.26 -19.32 5.38
C SER B 236 -4.81 -19.77 4.04
N VAL B 237 -3.93 -20.31 3.20
CA VAL B 237 -4.37 -20.92 1.93
C VAL B 237 -4.22 -22.46 1.94
N PHE B 238 -5.36 -23.15 1.81
CA PHE B 238 -5.39 -24.61 1.78
C PHE B 238 -5.87 -24.94 0.41
N SER B 239 -4.98 -25.49 -0.41
CA SER B 239 -5.31 -25.83 -1.80
C SER B 239 -5.37 -27.35 -2.04
N VAL B 240 -6.32 -27.81 -2.84
CA VAL B 240 -6.40 -29.22 -3.11
C VAL B 240 -6.59 -29.53 -4.58
N THR B 241 -5.49 -29.92 -5.23
CA THR B 241 -5.50 -30.18 -6.66
C THR B 241 -5.89 -31.62 -6.93
N ILE B 242 -6.62 -31.83 -8.01
CA ILE B 242 -7.03 -33.19 -8.31
C ILE B 242 -6.66 -33.47 -9.73
N HIS B 243 -5.90 -34.53 -9.97
CA HIS B 243 -5.56 -34.91 -11.35
C HIS B 243 -6.53 -35.97 -11.79
N MET B 244 -7.04 -35.82 -13.00
CA MET B 244 -8.03 -36.75 -13.50
C MET B 244 -7.70 -37.36 -14.87
N LYS B 245 -7.87 -38.67 -14.95
CA LYS B 245 -7.58 -39.48 -16.15
C LYS B 245 -8.74 -40.42 -16.39
N GLU B 246 -9.20 -40.46 -17.63
CA GLU B 246 -10.34 -41.29 -18.03
C GLU B 246 -10.18 -41.71 -19.48
N THR B 247 -9.97 -43.00 -19.69
CA THR B 247 -9.82 -43.55 -21.04
C THR B 247 -11.15 -43.94 -21.72
N THR B 248 -11.36 -43.40 -22.92
CA THR B 248 -12.57 -43.69 -23.67
C THR B 248 -12.81 -45.18 -23.92
N ILE B 249 -13.86 -45.48 -24.69
CA ILE B 249 -14.24 -46.84 -25.04
C ILE B 249 -13.20 -47.34 -26.03
N ASP B 250 -12.60 -46.39 -26.74
CA ASP B 250 -11.56 -46.66 -27.73
C ASP B 250 -10.20 -46.82 -27.02
N GLY B 251 -9.89 -45.91 -26.11
CA GLY B 251 -8.68 -46.09 -25.34
C GLY B 251 -7.90 -44.82 -25.14
N GLU B 252 -8.44 -43.73 -25.69
CA GLU B 252 -7.81 -42.42 -25.62
C GLU B 252 -8.02 -41.78 -24.23
N GLU B 253 -6.93 -41.62 -23.50
CA GLU B 253 -7.01 -41.01 -22.17
C GLU B 253 -7.29 -39.51 -22.22
N LEU B 254 -8.13 -39.07 -21.29
CA LEU B 254 -8.51 -37.67 -21.19
C LEU B 254 -7.93 -37.20 -19.87
N VAL B 255 -7.13 -36.13 -19.91
CA VAL B 255 -6.45 -35.64 -18.71
C VAL B 255 -6.99 -34.31 -18.18
N LYS B 256 -7.30 -34.29 -16.89
CA LYS B 256 -7.86 -33.11 -16.21
C LYS B 256 -7.09 -32.69 -14.94
N ILE B 257 -7.20 -31.41 -14.60
CA ILE B 257 -6.62 -30.85 -13.40
C ILE B 257 -7.61 -29.81 -12.88
N GLY B 258 -8.17 -30.09 -11.71
CA GLY B 258 -9.09 -29.19 -11.05
C GLY B 258 -8.56 -28.88 -9.67
N LYS B 259 -8.16 -27.62 -9.46
CA LYS B 259 -7.61 -27.12 -8.19
C LYS B 259 -8.51 -26.12 -7.41
N LEU B 260 -8.79 -26.48 -6.16
CA LEU B 260 -9.59 -25.64 -5.30
C LEU B 260 -8.72 -24.93 -4.27
N ASN B 261 -9.06 -23.68 -3.97
CA ASN B 261 -8.34 -22.92 -2.94
C ASN B 261 -9.37 -22.51 -1.88
N LEU B 262 -8.97 -22.66 -0.62
CA LEU B 262 -9.78 -22.33 0.53
C LEU B 262 -9.02 -21.36 1.44
N VAL B 263 -9.29 -20.08 1.20
CA VAL B 263 -8.63 -18.98 1.88
C VAL B 263 -9.39 -18.56 3.12
N ASP B 264 -8.71 -18.59 4.25
CA ASP B 264 -9.31 -18.13 5.49
C ASP B 264 -8.59 -16.81 5.83
N LEU B 265 -9.06 -15.72 5.24
CA LEU B 265 -8.41 -14.41 5.38
C LEU B 265 -8.03 -14.00 6.80
N ALA B 266 -7.18 -12.99 6.92
CA ALA B 266 -6.81 -12.42 8.23
C ALA B 266 -7.98 -11.53 8.76
N GLY B 267 -7.89 -11.16 10.02
CA GLY B 267 -8.93 -10.41 10.71
C GLY B 267 -9.21 -9.12 9.99
N SER B 268 -10.45 -8.97 9.53
CA SER B 268 -10.92 -7.80 8.81
C SER B 268 -10.72 -6.53 9.61
N GLU B 269 -10.80 -6.62 10.93
CA GLU B 269 -10.65 -5.42 11.74
C GLU B 269 -9.31 -4.67 11.63
N ASN B 270 -9.42 -3.33 11.50
CA ASN B 270 -8.31 -2.34 11.34
C ASN B 270 -8.83 -0.89 11.47
N ASN B 286 2.15 -2.23 12.94
CA ASN B 286 1.70 -3.58 12.58
C ASN B 286 0.47 -3.59 11.60
N ILE B 287 0.77 -3.60 10.29
CA ILE B 287 -0.23 -3.53 9.20
C ILE B 287 -0.32 -4.72 8.20
N ASN B 288 -1.53 -5.10 7.84
CA ASN B 288 -1.68 -6.21 6.93
C ASN B 288 -1.64 -5.66 5.53
N GLN B 289 -0.50 -5.80 4.88
CA GLN B 289 -0.36 -5.29 3.55
C GLN B 289 -1.11 -6.22 2.57
N SER B 290 -1.37 -7.45 2.95
CA SER B 290 -2.04 -8.32 2.00
C SER B 290 -3.55 -8.10 2.15
N LEU B 291 -3.93 -7.59 3.31
CA LEU B 291 -5.31 -7.28 3.52
C LEU B 291 -5.46 -5.97 2.77
N LEU B 292 -4.59 -5.02 3.07
CA LEU B 292 -4.64 -3.72 2.45
C LEU B 292 -4.82 -3.81 0.94
N THR B 293 -3.97 -4.65 0.34
CA THR B 293 -3.96 -4.84 -1.11
C THR B 293 -5.25 -5.45 -1.66
N LEU B 294 -5.74 -6.50 -0.99
CA LEU B 294 -7.01 -7.12 -1.38
C LEU B 294 -8.13 -6.08 -1.56
N GLY B 295 -8.36 -5.22 -0.57
CA GLY B 295 -9.40 -4.22 -0.70
C GLY B 295 -9.10 -3.36 -1.91
N ARG B 296 -7.90 -2.77 -1.89
CA ARG B 296 -7.45 -1.90 -2.98
C ARG B 296 -7.59 -2.50 -4.36
N VAL B 297 -7.32 -3.80 -4.45
CA VAL B 297 -7.42 -4.57 -5.68
C VAL B 297 -8.92 -4.61 -6.00
N ILE B 298 -9.69 -5.17 -5.07
CA ILE B 298 -11.14 -5.28 -5.23
C ILE B 298 -11.73 -3.94 -5.69
N THR B 299 -11.23 -2.83 -5.20
CA THR B 299 -11.78 -1.58 -5.64
C THR B 299 -11.46 -1.38 -7.10
N ALA B 300 -10.20 -1.58 -7.46
CA ALA B 300 -9.74 -1.38 -8.82
C ALA B 300 -10.67 -2.16 -9.71
N LEU B 301 -10.95 -3.40 -9.31
CA LEU B 301 -11.83 -4.27 -10.08
C LEU B 301 -13.21 -3.63 -10.20
N VAL B 302 -13.90 -3.49 -9.07
CA VAL B 302 -15.24 -2.92 -9.04
C VAL B 302 -15.37 -1.58 -9.79
N GLU B 303 -14.38 -0.70 -9.64
CA GLU B 303 -14.42 0.58 -10.32
C GLU B 303 -13.86 0.51 -11.74
N ARG B 304 -13.83 -0.70 -12.28
CA ARG B 304 -13.29 -0.95 -13.62
C ARG B 304 -12.01 -0.16 -13.95
N THR B 305 -11.08 -0.10 -13.01
CA THR B 305 -9.80 0.57 -13.25
C THR B 305 -8.82 -0.33 -14.04
N PRO B 306 -8.06 0.27 -14.97
CA PRO B 306 -7.13 -0.39 -15.88
C PRO B 306 -5.90 -1.03 -15.20
N HIS B 307 -5.59 -0.57 -14.00
CA HIS B 307 -4.43 -1.08 -13.29
C HIS B 307 -4.82 -1.56 -11.89
N VAL B 308 -4.56 -2.85 -11.61
CA VAL B 308 -4.93 -3.45 -10.33
C VAL B 308 -3.70 -4.01 -9.63
N PRO B 309 -3.29 -3.39 -8.51
CA PRO B 309 -2.14 -3.70 -7.66
C PRO B 309 -1.94 -5.18 -7.28
N TYR B 310 -2.00 -6.10 -8.23
CA TYR B 310 -1.83 -7.53 -7.96
C TYR B 310 -0.49 -7.80 -7.31
N ARG B 311 0.52 -7.09 -7.77
CA ARG B 311 1.84 -7.29 -7.23
C ARG B 311 2.14 -6.43 -6.02
N GLU B 312 1.13 -5.75 -5.46
CA GLU B 312 1.40 -4.96 -4.27
C GLU B 312 1.50 -5.76 -2.96
N SER B 313 1.19 -7.07 -3.00
CA SER B 313 1.23 -7.90 -1.78
C SER B 313 1.36 -9.39 -2.15
N LYS B 314 1.74 -10.26 -1.22
CA LYS B 314 1.93 -11.68 -1.56
C LYS B 314 0.58 -12.27 -1.80
N LEU B 315 -0.30 -12.24 -0.81
CA LEU B 315 -1.63 -12.77 -1.02
C LEU B 315 -2.26 -12.52 -2.43
N THR B 316 -2.40 -11.26 -2.86
CA THR B 316 -2.99 -10.94 -4.16
C THR B 316 -2.15 -11.46 -5.32
N ARG B 317 -0.84 -11.41 -5.16
CA ARG B 317 0.02 -11.91 -6.21
C ARG B 317 -0.32 -13.39 -6.37
N ILE B 318 -0.33 -14.08 -5.24
CA ILE B 318 -0.59 -15.49 -5.15
C ILE B 318 -1.94 -15.84 -5.81
N LEU B 319 -2.97 -15.07 -5.49
CA LEU B 319 -4.33 -15.32 -5.97
C LEU B 319 -4.86 -14.38 -7.05
N GLN B 320 -4.02 -13.97 -8.01
CA GLN B 320 -4.39 -13.03 -9.08
C GLN B 320 -5.68 -13.39 -9.78
N ASP B 321 -5.65 -14.59 -10.34
CA ASP B 321 -6.70 -15.19 -11.17
C ASP B 321 -8.01 -15.35 -10.43
N SER B 322 -7.91 -15.38 -9.11
CA SER B 322 -9.06 -15.57 -8.26
C SER B 322 -9.72 -14.21 -8.02
N LEU B 323 -9.16 -13.17 -8.61
CA LEU B 323 -9.69 -11.83 -8.47
C LEU B 323 -9.67 -11.11 -9.81
N GLY B 324 -10.75 -11.27 -10.57
CA GLY B 324 -10.88 -10.61 -11.85
C GLY B 324 -10.29 -11.36 -13.01
N GLY B 325 -10.21 -12.68 -12.90
CA GLY B 325 -9.65 -13.51 -13.96
C GLY B 325 -10.48 -14.73 -14.31
N ARG B 326 -9.80 -15.73 -14.90
CA ARG B 326 -10.42 -17.01 -15.32
C ARG B 326 -10.72 -18.04 -14.22
N THR B 327 -11.10 -17.62 -13.00
CA THR B 327 -11.38 -18.56 -11.92
C THR B 327 -12.75 -18.37 -11.26
N ARG B 328 -13.32 -19.46 -10.74
CA ARG B 328 -14.63 -19.41 -10.09
C ARG B 328 -14.48 -19.00 -8.64
N THR B 329 -14.85 -17.77 -8.31
CA THR B 329 -14.68 -17.28 -6.96
C THR B 329 -15.97 -17.08 -6.20
N SER B 330 -15.95 -17.34 -4.90
CA SER B 330 -17.11 -17.16 -4.07
C SER B 330 -16.59 -16.59 -2.76
N ILE B 331 -17.40 -15.79 -2.05
CA ILE B 331 -16.96 -15.18 -0.79
C ILE B 331 -17.90 -15.43 0.38
N ILE B 332 -17.35 -15.64 1.57
CA ILE B 332 -18.21 -15.75 2.75
C ILE B 332 -17.92 -14.65 3.79
N ALA B 333 -18.89 -13.81 4.04
CA ALA B 333 -18.68 -12.78 5.04
C ALA B 333 -19.30 -13.20 6.35
N THR B 334 -18.48 -13.25 7.38
CA THR B 334 -18.98 -13.58 8.69
C THR B 334 -19.34 -12.28 9.39
N ILE B 335 -20.33 -12.34 10.26
CA ILE B 335 -20.73 -11.17 11.01
C ILE B 335 -21.16 -11.58 12.41
N SER B 336 -20.92 -10.71 13.39
CA SER B 336 -21.27 -11.00 14.78
C SER B 336 -22.55 -10.30 15.10
N PRO B 337 -23.55 -11.05 15.61
CA PRO B 337 -24.90 -10.56 15.95
C PRO B 337 -24.91 -9.60 17.12
N ALA B 338 -23.71 -9.23 17.58
CA ALA B 338 -23.48 -8.32 18.74
C ALA B 338 -23.60 -6.80 18.50
N SER B 339 -24.06 -6.10 19.53
CA SER B 339 -24.24 -4.65 19.48
C SER B 339 -22.93 -3.86 19.49
N LEU B 340 -21.92 -4.39 20.17
CA LEU B 340 -20.64 -3.70 20.25
C LEU B 340 -19.80 -3.91 18.98
N ASN B 341 -20.31 -4.67 18.04
CA ASN B 341 -19.57 -4.95 16.82
C ASN B 341 -20.04 -4.08 15.64
N LEU B 342 -21.03 -3.23 15.92
CA LEU B 342 -21.69 -2.39 14.89
C LEU B 342 -20.73 -1.90 13.83
N GLU B 343 -19.76 -1.12 14.28
CA GLU B 343 -18.70 -0.56 13.44
C GLU B 343 -18.16 -1.57 12.39
N GLU B 344 -17.71 -2.74 12.85
CA GLU B 344 -17.12 -3.68 11.94
C GLU B 344 -18.08 -4.52 11.13
N THR B 345 -19.14 -5.02 11.78
CA THR B 345 -20.20 -5.75 11.08
C THR B 345 -20.60 -4.84 9.92
N LEU B 346 -20.97 -3.58 10.19
CA LEU B 346 -21.25 -2.62 9.12
C LEU B 346 -20.10 -2.50 8.09
N SER B 347 -18.86 -2.44 8.59
CA SER B 347 -17.68 -2.32 7.72
C SER B 347 -17.58 -3.43 6.70
N THR B 348 -18.00 -4.61 7.13
CA THR B 348 -17.92 -5.82 6.31
C THR B 348 -19.03 -5.99 5.28
N LEU B 349 -20.26 -5.78 5.71
CA LEU B 349 -21.41 -5.93 4.84
C LEU B 349 -21.23 -4.98 3.66
N GLU B 350 -20.59 -3.84 3.93
CA GLU B 350 -20.33 -2.83 2.90
C GLU B 350 -19.26 -3.33 1.92
N TYR B 351 -18.20 -3.85 2.52
CA TYR B 351 -17.04 -4.38 1.82
C TYR B 351 -17.48 -5.58 0.97
N ALA B 352 -18.25 -6.48 1.59
CA ALA B 352 -18.70 -7.70 0.92
C ALA B 352 -19.67 -7.36 -0.16
N HIS B 353 -20.51 -6.34 0.10
CA HIS B 353 -21.50 -5.86 -0.86
C HIS B 353 -20.83 -5.23 -2.07
N ARG B 354 -19.85 -4.38 -1.82
CA ARG B 354 -19.08 -3.79 -2.90
C ARG B 354 -18.41 -4.86 -3.79
N ALA B 355 -18.03 -6.00 -3.20
CA ALA B 355 -17.32 -7.04 -3.96
C ALA B 355 -18.20 -7.76 -4.95
N LYS B 356 -19.51 -7.62 -4.80
CA LYS B 356 -20.47 -8.28 -5.71
C LYS B 356 -20.36 -7.90 -7.18
N ASN B 357 -19.49 -6.95 -7.52
CA ASN B 357 -19.38 -6.51 -8.91
C ASN B 357 -18.15 -7.01 -9.66
N ILE B 358 -17.23 -7.67 -8.96
CA ILE B 358 -16.05 -8.19 -9.61
C ILE B 358 -16.54 -9.21 -10.63
N LEU B 359 -15.81 -9.37 -11.74
CA LEU B 359 -16.19 -10.31 -12.80
C LEU B 359 -15.08 -11.29 -13.12
N ASN B 360 -15.36 -12.59 -12.95
CA ASN B 360 -14.35 -13.62 -13.21
C ASN B 360 -14.64 -14.34 -14.54
N LYS B 361 -13.70 -15.19 -14.94
CA LYS B 361 -13.82 -15.96 -16.19
C LYS B 361 -14.22 -15.08 -17.39
MG MG C . 17.68 13.54 -10.65
PB ADP D . 14.70 14.96 -12.52
O1B ADP D . 14.72 13.58 -13.02
O2B ADP D . 13.29 15.27 -12.28
O3B ADP D . 15.59 14.92 -11.29
PA ADP D . 16.60 16.76 -13.67
O1A ADP D . 16.74 18.04 -12.80
O2A ADP D . 17.77 15.72 -13.30
O3A ADP D . 15.14 16.05 -13.57
O5' ADP D . 16.77 17.48 -15.13
C5' ADP D . 16.42 16.91 -16.43
C4' ADP D . 17.49 17.47 -17.45
O4' ADP D . 16.91 18.56 -18.19
C3' ADP D . 18.85 18.06 -16.88
O3' ADP D . 19.77 18.23 -17.94
C2' ADP D . 18.63 19.52 -16.46
O2' ADP D . 19.58 20.36 -17.19
C1' ADP D . 17.25 19.62 -17.14
N9 ADP D . 16.34 20.67 -16.75
C8 ADP D . 15.22 20.53 -16.04
N7 ADP D . 14.65 21.67 -15.87
C5 ADP D . 15.44 22.58 -16.53
C6 ADP D . 15.33 23.95 -16.70
N6 ADP D . 14.30 24.75 -16.18
N1 ADP D . 16.32 24.51 -17.44
C2 ADP D . 17.32 23.76 -17.93
N3 ADP D . 17.49 22.47 -17.80
C4 ADP D . 16.50 21.97 -17.08
C1 MKK E . 24.06 17.21 -2.47
C2 MKK E . 24.75 18.01 -3.45
C3 MKK E . 24.13 19.36 -3.82
C4 MKK E . 22.95 19.70 -3.25
C5 MKK E . 22.25 19.01 -2.29
C6 MKK E . 22.83 17.73 -1.94
N4 MKK E . 24.87 20.10 -4.78
N1 MKK E . 26.14 20.01 -4.96
C24 MKK E . 26.79 20.64 -5.93
C13 MKK E . 25.68 21.34 -6.63
C14 MKK E . 24.49 21.19 -5.64
C17 MKK E . 25.89 22.85 -6.62
C19 MKK E . 25.59 23.60 -7.81
C20 MKK E . 25.79 25.04 -7.74
C21 MKK E . 26.30 25.63 -6.44
C22 MKK E . 26.61 24.92 -5.21
C23 MKK E . 26.37 23.50 -5.37
C29 MKK E . 28.30 20.51 -6.15
C9 MKK E . 29.01 19.65 -5.06
O39 MKK E . 28.97 21.03 -7.09
F40 MKK E . 22.37 20.80 -3.57
C10 MKK E . 24.46 15.93 -1.94
C7 MKK E . 25.49 20.59 -8.00
C8 MKK E . 25.55 19.10 -7.85
C11 MKK E . 25.53 18.27 -9.17
N2 MKK E . 24.41 17.24 -9.06
C12 MKK E . 23.59 17.30 -10.35
C15 MKK E . 24.87 15.86 -8.63
C16 MKK E . 25.67 15.21 -9.80
C18 MKK E . 24.68 16.90 -11.42
N3 MKK E . 24.93 15.43 -11.14
C25 MKK E . 24.41 14.47 -12.15
C26 MKK E . 23.72 15.06 -13.42
O1 MKK E . 24.47 13.24 -12.10
MG MG F . -9.11 -18.18 13.15
PB ADP G . -12.67 -16.22 13.32
O1B ADP G . -11.57 -15.61 14.21
O2B ADP G . -13.29 -15.21 12.39
O3B ADP G . -11.64 -17.25 12.79
PA ADP G . -13.65 -18.36 14.91
O1A ADP G . -14.57 -19.53 14.34
O2A ADP G . -12.15 -18.81 14.83
O3A ADP G . -13.76 -16.90 14.16
O5' ADP G . -14.11 -18.30 16.50
C5' ADP G . -15.43 -17.74 16.77
C4' ADP G . -16.11 -18.44 17.97
O4' ADP G . -17.55 -18.22 17.83
C3' ADP G . -15.80 -19.98 18.01
O3' ADP G . -16.05 -20.74 19.20
C2' ADP G . -16.80 -20.52 17.02
O2' ADP G . -17.03 -21.82 17.62
C1' ADP G . -17.99 -19.53 17.26
N9 ADP G . -18.89 -19.41 16.12
C8 ADP G . -18.80 -18.46 15.17
N7 ADP G . -19.72 -18.60 14.27
C5 ADP G . -20.47 -19.69 14.64
C6 ADP G . -21.61 -20.30 14.04
N6 ADP G . -22.20 -19.85 12.84
N1 ADP G . -22.12 -21.39 14.69
C2 ADP G . -21.51 -21.81 15.85
N3 ADP G . -20.45 -21.29 16.50
C4 ADP G . -19.97 -20.22 15.82
C1 MKK H . -6.09 -27.69 9.32
C2 MKK H . -6.93 -28.41 10.28
C3 MKK H . -8.40 -28.51 10.03
C4 MKK H . -8.94 -27.96 8.87
C5 MKK H . -8.19 -27.25 7.85
C6 MKK H . -6.74 -27.11 8.13
N4 MKK H . -9.10 -29.16 11.00
N1 MKK H . -8.68 -30.10 11.71
C24 MKK H . -9.42 -30.66 12.65
C13 MKK H . -10.70 -29.96 12.58
C14 MKK H . -10.37 -28.88 11.52
C17 MKK H . -11.85 -30.88 12.08
C19 MKK H . -13.19 -30.77 12.59
C20 MKK H . -14.24 -31.67 12.07
C21 MKK H . -13.91 -32.72 11.07
C22 MKK H . -12.55 -32.81 10.57
C23 MKK H . -11.58 -31.89 11.10
C29 MKK H . -9.01 -31.77 13.56
C9 MKK H . -7.55 -32.32 13.34
O39 MKK H . -9.76 -32.22 14.43
F40 MKK H . -10.26 -28.09 8.68
C10 MKK H . -4.64 -27.53 9.49
C7 MKK H . -10.80 -29.37 14.00
C8 MKK H . -10.24 -27.98 14.17
C11 MKK H . -9.79 -27.79 15.65
N2 MKK H . -8.71 -26.75 15.67
C12 MKK H . -9.28 -25.51 16.29
C15 MKK H . -7.48 -27.30 16.25
C16 MKK H . -7.72 -27.60 17.73
C18 MKK H . -9.61 -25.95 17.74
N3 MKK H . -8.28 -26.33 18.26
C25 MKK H . -7.70 -25.44 19.14
C26 MKK H . -8.73 -24.32 19.35
O1 MKK H . -6.59 -25.52 19.70
#